data_6ILH
#
_entry.id   6ILH
#
_cell.length_a   152.180
_cell.length_b   152.180
_cell.length_c   106.320
_cell.angle_alpha   90.000
_cell.angle_beta   90.000
_cell.angle_gamma   120.000
#
_symmetry.space_group_name_H-M   'P 32 2 1'
#
loop_
_entity.id
_entity.type
_entity.pdbx_description
1 polymer 'Lysine-tRNA ligase'
2 non-polymer "5'-O-[(L-LYSYLAMINO)SULFONYL]ADENOSINE"
3 water water
#
_entity_poly.entity_id   1
_entity_poly.type   'polypeptide(L)'
_entity_poly.pdbx_seq_one_letter_code
;MSVDPNQYYKIRSQAIHQLKVNGEDPYPHKFHVDISLTDFIQKYSHLQPGDHLTDITLKVAGRIHAKRASGGKLIFYDLR
GEGVKLQVMANSRNYKSEEEFIHINNKLRRGDIIGVQGNPGKTKKGELSIIPYEITLLSPCLHMLPHLHFGLKDKETRYR
QRYLDLILNDFVRQKFIIRSKIITYIRSFLDELGFLEIETPMMNIIPGGAVAKPFITYHNELDMNLYMRIAPELYHKMLV
VGGIDRVYEIGRQFRNEGIDLTHNPEFTTCEFYMAYADYHDHMEITEKMVSGMVKHITGSYKVTYHPDGPEGQAYDVDFT
PPFRRINMVEELEKALGMKLPETNLFETEETRKILDDICVAKAVECPPPRTTARLLDKLVGEFLEVTCINPTFICDHPQI
MSPLAKWHRSKEGLTERFELFVMKKEICNAYTELNDPMRQRQLFEEQAKAKAAGDDEAMFIDENFCTALEYGLPPTAGWG
MGIDRVAMFLTDSNNIKEVLLFPAMKPEDKKENLEHHHHHH
;
_entity_poly.pdbx_strand_id   A,B
#
loop_
_chem_comp.id
_chem_comp.type
_chem_comp.name
_chem_comp.formula
KAA non-polymer 5'-O-[(L-LYSYLAMINO)SULFONYL]ADENOSINE 'C16 H26 N8 O7 S'
#
# COMPACT_ATOMS: atom_id res chain seq x y z
N VAL A 3 31.57 21.00 24.89
CA VAL A 3 31.66 21.81 23.68
C VAL A 3 30.27 22.08 23.10
N ASP A 4 30.14 23.19 22.39
CA ASP A 4 28.89 23.57 21.76
C ASP A 4 28.56 22.60 20.63
N PRO A 5 27.29 22.22 20.46
CA PRO A 5 26.93 21.34 19.32
C PRO A 5 27.30 21.91 17.97
N ASN A 6 27.16 23.22 17.77
CA ASN A 6 27.53 23.82 16.50
C ASN A 6 29.04 23.75 16.27
N GLN A 7 29.83 23.99 17.32
CA GLN A 7 31.29 23.88 17.16
C GLN A 7 31.70 22.43 17.01
N TYR A 8 31.04 21.52 17.74
CA TYR A 8 31.30 20.10 17.53
C TYR A 8 31.08 19.70 16.08
N TYR A 9 29.99 20.21 15.49
CA TYR A 9 29.69 19.89 14.09
C TYR A 9 30.77 20.43 13.16
N LYS A 10 31.24 21.65 13.41
CA LYS A 10 32.30 22.21 12.57
C LYS A 10 33.61 21.47 12.77
N ILE A 11 33.95 21.15 14.02
CA ILE A 11 35.21 20.48 14.30
C ILE A 11 35.26 19.10 13.64
N ARG A 12 34.18 18.32 13.78
CA ARG A 12 34.16 16.98 13.22
C ARG A 12 34.09 17.00 11.70
N SER A 13 33.31 17.91 11.13
CA SER A 13 33.26 18.05 9.67
C SER A 13 34.64 18.39 9.10
N GLN A 14 35.40 19.23 9.81
CA GLN A 14 36.74 19.56 9.33
C GLN A 14 37.66 18.34 9.38
N ALA A 15 37.63 17.61 10.49
CA ALA A 15 38.46 16.42 10.62
C ALA A 15 38.13 15.40 9.54
N ILE A 16 36.84 15.16 9.30
CA ILE A 16 36.44 14.20 8.27
C ILE A 16 36.89 14.67 6.90
N HIS A 17 36.74 15.96 6.61
CA HIS A 17 37.20 16.49 5.33
C HIS A 17 38.70 16.29 5.15
N GLN A 18 39.47 16.48 6.23
CA GLN A 18 40.90 16.25 6.14
C GLN A 18 41.22 14.80 5.81
N LEU A 19 40.44 13.87 6.37
CA LEU A 19 40.61 12.47 6.02
C LEU A 19 40.34 12.23 4.54
N LYS A 20 39.30 12.86 3.99
CA LYS A 20 38.97 12.71 2.59
C LYS A 20 40.12 13.14 1.69
N VAL A 21 40.62 14.36 1.90
CA VAL A 21 41.64 14.89 0.99
C VAL A 21 42.97 14.18 1.17
N ASN A 22 43.21 13.62 2.35
CA ASN A 22 44.39 12.79 2.56
C ASN A 22 44.20 11.36 2.06
N GLY A 23 43.08 11.04 1.42
CA GLY A 23 42.88 9.72 0.88
C GLY A 23 42.62 8.62 1.90
N GLU A 24 42.05 8.96 3.06
CA GLU A 24 41.82 7.96 4.10
C GLU A 24 40.44 7.32 4.05
N ASP A 25 39.57 7.72 3.11
CA ASP A 25 38.26 7.11 2.89
C ASP A 25 37.43 6.96 4.15
N PRO A 26 36.80 8.02 4.64
CA PRO A 26 35.93 7.87 5.82
C PRO A 26 34.56 7.26 5.51
N TYR A 27 34.22 7.05 4.24
CA TYR A 27 32.99 6.40 3.83
C TYR A 27 33.31 5.25 2.89
N PRO A 28 33.87 4.17 3.41
CA PRO A 28 34.25 3.04 2.54
C PRO A 28 33.04 2.42 1.87
N HIS A 29 33.30 1.74 0.76
CA HIS A 29 32.21 1.23 -0.08
C HIS A 29 31.56 -0.01 0.52
N LYS A 30 32.36 -0.97 0.98
CA LYS A 30 31.82 -2.26 1.38
C LYS A 30 32.59 -2.84 2.55
N PHE A 31 31.85 -3.32 3.55
CA PHE A 31 32.41 -4.03 4.70
C PHE A 31 31.67 -5.36 4.80
N HIS A 32 32.41 -6.47 4.71
CA HIS A 32 31.79 -7.79 4.73
C HIS A 32 31.49 -8.17 6.18
N VAL A 33 30.22 -8.24 6.53
CA VAL A 33 29.79 -8.64 7.86
C VAL A 33 29.64 -10.15 7.88
N ASP A 34 30.34 -10.80 8.82
CA ASP A 34 30.32 -12.26 8.90
C ASP A 34 29.09 -12.75 9.66
N ILE A 35 28.68 -12.02 10.69
CA ILE A 35 27.62 -12.47 11.58
C ILE A 35 26.90 -11.25 12.13
N SER A 36 25.58 -11.37 12.27
CA SER A 36 24.79 -10.31 12.88
C SER A 36 25.04 -10.27 14.38
N LEU A 37 24.76 -9.11 14.98
CA LEU A 37 24.92 -8.97 16.42
C LEU A 37 24.00 -9.94 17.17
N THR A 38 22.76 -10.10 16.68
CA THR A 38 21.83 -11.04 17.30
C THR A 38 22.37 -12.47 17.27
N ASP A 39 22.82 -12.93 16.10
CA ASP A 39 23.37 -14.28 15.99
C ASP A 39 24.67 -14.41 16.76
N PHE A 40 25.44 -13.34 16.89
CA PHE A 40 26.66 -13.40 17.69
C PHE A 40 26.34 -13.67 19.15
N ILE A 41 25.28 -13.04 19.66
CA ILE A 41 24.95 -13.17 21.07
C ILE A 41 24.40 -14.56 21.38
N GLN A 42 23.48 -15.05 20.57
CA GLN A 42 22.93 -16.38 20.83
C GLN A 42 23.97 -17.47 20.65
N LYS A 43 24.92 -17.27 19.75
CA LYS A 43 25.95 -18.28 19.50
C LYS A 43 27.03 -18.27 20.57
N TYR A 44 27.16 -17.17 21.29
CA TYR A 44 28.26 -17.03 22.24
C TYR A 44 27.82 -16.55 23.62
N SER A 45 26.51 -16.51 23.91
CA SER A 45 26.13 -16.20 25.29
C SER A 45 26.55 -17.32 26.25
N HIS A 46 26.75 -18.54 25.75
CA HIS A 46 27.02 -19.68 26.62
C HIS A 46 28.40 -19.63 27.27
N LEU A 47 29.33 -18.83 26.76
CA LEU A 47 30.67 -18.86 27.33
C LEU A 47 30.67 -18.33 28.76
N GLN A 48 31.78 -18.57 29.43
CA GLN A 48 31.94 -18.29 30.83
C GLN A 48 32.78 -17.06 31.04
N PRO A 49 32.62 -16.38 32.17
CA PRO A 49 33.41 -15.17 32.44
C PRO A 49 34.90 -15.44 32.34
N GLY A 50 35.60 -14.58 31.59
CA GLY A 50 37.02 -14.71 31.38
C GLY A 50 37.43 -15.38 30.08
N ASP A 51 36.49 -15.97 29.35
CA ASP A 51 36.82 -16.70 28.13
C ASP A 51 37.31 -15.76 27.02
N HIS A 52 38.18 -16.31 26.16
CA HIS A 52 38.72 -15.55 25.02
C HIS A 52 39.12 -16.58 23.96
N LEU A 53 38.27 -16.75 22.94
CA LEU A 53 38.46 -17.80 21.93
C LEU A 53 39.39 -17.34 20.83
N THR A 54 40.61 -17.86 20.84
CA THR A 54 41.54 -17.62 19.74
C THR A 54 41.10 -18.33 18.46
N ASP A 55 40.26 -19.36 18.56
CA ASP A 55 39.87 -20.16 17.40
C ASP A 55 38.97 -19.40 16.42
N ILE A 56 38.21 -18.41 16.89
CA ILE A 56 37.16 -17.81 16.09
C ILE A 56 37.48 -16.33 15.82
N THR A 57 37.34 -15.92 14.55
CA THR A 57 37.53 -14.53 14.15
C THR A 57 36.39 -14.15 13.22
N LEU A 58 35.52 -13.24 13.67
CA LEU A 58 34.38 -12.78 12.90
C LEU A 58 34.42 -11.27 12.72
N LYS A 59 33.54 -10.77 11.86
CA LYS A 59 33.39 -9.35 11.60
C LYS A 59 31.95 -8.94 11.85
N VAL A 60 31.77 -7.91 12.67
CA VAL A 60 30.45 -7.37 12.99
C VAL A 60 30.47 -5.88 12.69
N ALA A 61 29.29 -5.26 12.83
CA ALA A 61 29.18 -3.83 12.58
C ALA A 61 28.02 -3.27 13.40
N GLY A 62 28.05 -1.96 13.61
CA GLY A 62 27.03 -1.30 14.38
C GLY A 62 27.43 0.13 14.67
N ARG A 63 26.62 0.78 15.52
CA ARG A 63 26.82 2.17 15.89
C ARG A 63 27.36 2.26 17.31
N ILE A 64 28.35 3.13 17.51
CA ILE A 64 28.90 3.34 18.85
C ILE A 64 27.92 4.16 19.66
N HIS A 65 27.41 3.58 20.74
CA HIS A 65 26.53 4.30 21.65
C HIS A 65 27.25 4.85 22.87
N ALA A 66 28.45 4.36 23.18
CA ALA A 66 29.23 4.86 24.30
C ALA A 66 30.69 4.49 24.10
N LYS A 67 31.57 5.34 24.63
CA LYS A 67 33.02 5.14 24.52
C LYS A 67 33.66 5.57 25.85
N ARG A 68 34.04 4.60 26.67
CA ARG A 68 34.65 4.87 27.98
C ARG A 68 36.05 4.26 28.02
N ALA A 69 37.05 5.12 28.22
CA ALA A 69 38.43 4.68 28.31
C ALA A 69 38.74 4.10 29.69
N SER A 70 39.67 3.14 29.73
CA SER A 70 40.10 2.52 30.99
C SER A 70 41.62 2.58 31.14
N GLY A 71 42.24 3.73 30.88
CA GLY A 71 43.65 3.96 31.15
C GLY A 71 44.47 4.35 29.94
N GLY A 72 44.08 3.89 28.76
CA GLY A 72 44.81 4.26 27.55
C GLY A 72 45.16 3.06 26.68
N LYS A 73 45.30 1.90 27.31
CA LYS A 73 45.57 0.66 26.59
C LYS A 73 44.31 -0.19 26.48
N LEU A 74 43.22 0.26 27.08
CA LEU A 74 41.96 -0.46 27.07
C LEU A 74 40.82 0.54 26.90
N ILE A 75 39.96 0.28 25.93
CA ILE A 75 38.79 1.12 25.67
C ILE A 75 37.59 0.19 25.53
N PHE A 76 36.45 0.60 26.07
CA PHE A 76 35.22 -0.15 25.96
C PHE A 76 34.26 0.61 25.06
N TYR A 77 33.71 -0.09 24.06
CA TYR A 77 32.75 0.48 23.13
C TYR A 77 31.43 -0.25 23.27
N ASP A 78 30.35 0.51 23.38
CA ASP A 78 29.00 -0.05 23.44
C ASP A 78 28.45 -0.08 22.01
N LEU A 79 28.54 -1.25 21.37
CA LEU A 79 28.09 -1.43 19.99
C LEU A 79 26.62 -1.83 19.97
N ARG A 80 25.81 -1.11 19.21
CA ARG A 80 24.38 -1.38 19.15
C ARG A 80 23.90 -1.49 17.71
N GLY A 81 22.84 -2.27 17.53
CA GLY A 81 22.22 -2.51 16.25
C GLY A 81 21.21 -3.63 16.38
N GLU A 82 20.21 -3.67 15.49
CA GLU A 82 19.20 -4.73 15.48
C GLU A 82 18.41 -4.78 16.79
N GLY A 83 18.33 -3.64 17.48
CA GLY A 83 17.71 -3.60 18.79
C GLY A 83 18.47 -4.33 19.87
N VAL A 84 19.74 -4.63 19.65
CA VAL A 84 20.53 -5.44 20.55
C VAL A 84 21.87 -4.75 20.79
N LYS A 85 22.60 -5.23 21.80
CA LYS A 85 23.82 -4.59 22.27
C LYS A 85 24.95 -5.60 22.40
N LEU A 86 26.17 -5.16 22.07
CA LEU A 86 27.36 -5.99 22.23
C LEU A 86 28.54 -5.09 22.59
N GLN A 87 29.38 -5.56 23.51
CA GLN A 87 30.52 -4.79 23.99
C GLN A 87 31.77 -5.11 23.20
N VAL A 88 32.52 -4.07 22.85
CA VAL A 88 33.80 -4.22 22.16
C VAL A 88 34.89 -3.89 23.17
N MET A 89 35.65 -4.90 23.57
CA MET A 89 36.73 -4.72 24.54
C MET A 89 38.03 -4.52 23.76
N ALA A 90 38.31 -3.26 23.43
CA ALA A 90 39.48 -2.92 22.63
C ALA A 90 40.71 -2.89 23.52
N ASN A 91 41.54 -3.91 23.42
CA ASN A 91 42.76 -4.02 24.21
C ASN A 91 43.95 -3.71 23.33
N SER A 92 44.93 -2.99 23.89
CA SER A 92 46.06 -2.55 23.08
C SER A 92 46.93 -3.71 22.62
N ARG A 93 47.18 -4.70 23.49
CA ARG A 93 48.05 -5.79 23.12
C ARG A 93 47.41 -6.75 22.13
N ASN A 94 46.09 -6.72 22.00
CA ASN A 94 45.39 -7.58 21.05
C ASN A 94 45.12 -6.91 19.71
N TYR A 95 45.31 -5.59 19.63
CA TYR A 95 45.02 -4.89 18.38
C TYR A 95 46.12 -5.14 17.35
N LYS A 96 45.80 -4.81 16.09
CA LYS A 96 46.71 -5.04 14.97
C LYS A 96 48.12 -4.56 15.28
N SER A 97 48.24 -3.39 15.89
CA SER A 97 49.51 -2.89 16.39
C SER A 97 49.19 -1.85 17.46
N GLU A 98 50.18 -1.58 18.30
CA GLU A 98 49.99 -0.55 19.33
C GLU A 98 49.81 0.82 18.70
N GLU A 99 50.53 1.08 17.61
CA GLU A 99 50.46 2.38 16.96
C GLU A 99 49.11 2.61 16.30
N GLU A 100 48.57 1.59 15.62
CA GLU A 100 47.27 1.73 15.00
C GLU A 100 46.15 1.78 16.04
N PHE A 101 46.36 1.15 17.20
CA PHE A 101 45.38 1.22 18.28
C PHE A 101 45.16 2.66 18.72
N ILE A 102 46.25 3.40 18.91
CA ILE A 102 46.13 4.81 19.30
C ILE A 102 45.52 5.63 18.17
N HIS A 103 45.78 5.26 16.92
CA HIS A 103 45.31 6.06 15.80
C HIS A 103 43.80 5.91 15.59
N ILE A 104 43.29 4.68 15.68
CA ILE A 104 41.87 4.47 15.41
C ILE A 104 41.01 4.97 16.57
N ASN A 105 41.48 4.80 17.80
CA ASN A 105 40.69 5.20 18.96
C ASN A 105 40.61 6.71 19.11
N ASN A 106 41.64 7.43 18.65
CA ASN A 106 41.62 8.88 18.75
C ASN A 106 40.66 9.51 17.75
N LYS A 107 40.38 8.83 16.63
CA LYS A 107 39.50 9.39 15.62
C LYS A 107 38.05 8.99 15.81
N LEU A 108 37.77 7.94 16.58
CA LEU A 108 36.41 7.47 16.74
C LEU A 108 35.68 8.28 17.81
N ARG A 109 34.38 8.48 17.58
CA ARG A 109 33.54 9.22 18.51
C ARG A 109 32.22 8.49 18.70
N ARG A 110 31.50 8.89 19.74
CA ARG A 110 30.16 8.35 19.97
C ARG A 110 29.27 8.67 18.78
N GLY A 111 28.52 7.66 18.33
CA GLY A 111 27.63 7.81 17.20
C GLY A 111 28.16 7.25 15.90
N ASP A 112 29.46 6.94 15.83
CA ASP A 112 30.05 6.47 14.59
C ASP A 112 29.59 5.05 14.27
N ILE A 113 29.47 4.76 12.98
CA ILE A 113 29.27 3.40 12.48
C ILE A 113 30.65 2.79 12.26
N ILE A 114 30.88 1.63 12.88
CA ILE A 114 32.18 0.97 12.80
C ILE A 114 32.00 -0.49 12.47
N GLY A 115 33.05 -1.08 11.90
CA GLY A 115 33.13 -2.51 11.68
C GLY A 115 34.27 -3.08 12.52
N VAL A 116 34.03 -4.22 13.14
CA VAL A 116 34.94 -4.80 14.12
C VAL A 116 35.28 -6.23 13.68
N GLN A 117 36.57 -6.50 13.51
CA GLN A 117 37.08 -7.85 13.28
C GLN A 117 37.81 -8.30 14.54
N GLY A 118 37.36 -9.39 15.13
CA GLY A 118 38.00 -9.87 16.35
C GLY A 118 37.45 -11.21 16.79
N ASN A 119 37.80 -11.56 18.04
CA ASN A 119 37.47 -12.84 18.67
C ASN A 119 36.36 -12.66 19.70
N PRO A 120 35.47 -13.63 19.84
CA PRO A 120 34.48 -13.59 20.91
C PRO A 120 35.16 -13.74 22.28
N GLY A 121 34.53 -13.15 23.29
CA GLY A 121 35.07 -13.22 24.63
C GLY A 121 34.02 -12.82 25.64
N LYS A 122 34.40 -12.93 26.91
CA LYS A 122 33.53 -12.55 28.02
C LYS A 122 34.37 -11.93 29.12
N THR A 123 33.99 -10.72 29.54
CA THR A 123 34.62 -10.07 30.68
C THR A 123 34.49 -10.94 31.94
N LYS A 124 35.35 -10.65 32.91
CA LYS A 124 35.23 -11.28 34.22
C LYS A 124 33.89 -10.99 34.87
N LYS A 125 33.31 -9.81 34.61
CA LYS A 125 31.99 -9.50 35.13
C LYS A 125 30.89 -10.30 34.44
N GLY A 126 31.18 -10.88 33.28
CA GLY A 126 30.22 -11.68 32.55
C GLY A 126 29.59 -11.01 31.35
N GLU A 127 30.25 -10.03 30.76
CA GLU A 127 29.73 -9.34 29.58
C GLU A 127 30.32 -10.00 28.34
N LEU A 128 29.45 -10.54 27.49
CA LEU A 128 29.91 -11.04 26.21
C LEU A 128 30.49 -9.90 25.38
N SER A 129 31.65 -10.14 24.79
CA SER A 129 32.42 -9.09 24.15
C SER A 129 33.08 -9.63 22.90
N ILE A 130 33.53 -8.71 22.06
CA ILE A 130 34.40 -9.03 20.93
C ILE A 130 35.69 -8.25 21.13
N ILE A 131 36.82 -8.94 21.05
CA ILE A 131 38.13 -8.35 21.26
C ILE A 131 38.73 -8.06 19.90
N PRO A 132 38.79 -6.79 19.47
CA PRO A 132 39.12 -6.50 18.07
C PRO A 132 40.60 -6.62 17.74
N TYR A 133 40.87 -7.19 16.58
CA TYR A 133 42.16 -7.06 15.93
C TYR A 133 42.24 -5.82 15.06
N GLU A 134 41.10 -5.37 14.53
CA GLU A 134 41.04 -4.19 13.68
C GLU A 134 39.64 -3.59 13.73
N ILE A 135 39.59 -2.28 13.94
CA ILE A 135 38.34 -1.52 13.88
C ILE A 135 38.40 -0.64 12.64
N THR A 136 37.30 -0.57 11.91
CA THR A 136 37.22 0.20 10.68
C THR A 136 36.06 1.18 10.78
N LEU A 137 36.35 2.46 10.54
CA LEU A 137 35.30 3.47 10.49
C LEU A 137 34.52 3.32 9.19
N LEU A 138 33.21 3.11 9.29
CA LEU A 138 32.34 2.93 8.14
C LEU A 138 31.57 4.19 7.79
N SER A 139 31.10 4.93 8.79
CA SER A 139 30.36 6.17 8.60
C SER A 139 30.45 7.02 9.85
N PRO A 140 31.06 8.21 9.78
CA PRO A 140 31.17 9.05 10.98
C PRO A 140 29.88 9.79 11.27
N CYS A 141 29.66 10.04 12.56
CA CYS A 141 28.57 10.88 13.03
C CYS A 141 29.12 12.27 13.28
N LEU A 142 28.63 13.25 12.52
CA LEU A 142 29.17 14.60 12.58
C LEU A 142 28.50 15.48 13.63
N HIS A 143 27.47 14.99 14.30
CA HIS A 143 26.71 15.78 15.26
C HIS A 143 26.85 15.19 16.65
N MET A 144 26.59 16.04 17.65
CA MET A 144 26.48 15.60 19.02
C MET A 144 25.13 14.93 19.22
N LEU A 145 25.13 13.71 19.73
CA LEU A 145 23.84 13.12 20.02
C LEU A 145 23.43 13.46 21.45
N PRO A 146 22.11 13.47 21.72
CA PRO A 146 21.64 13.79 23.06
C PRO A 146 22.32 12.93 24.12
N HIS A 147 22.72 13.57 25.22
CA HIS A 147 23.46 12.91 26.29
C HIS A 147 22.66 11.76 26.90
N GLY A 151 18.32 12.08 28.28
CA GLY A 151 18.04 11.35 27.06
C GLY A 151 17.48 12.19 25.92
N LEU A 152 16.55 11.62 25.18
CA LEU A 152 15.83 12.29 24.10
C LEU A 152 14.32 12.14 24.37
N LYS A 153 13.77 13.06 25.16
CA LYS A 153 12.35 13.02 25.49
C LYS A 153 11.50 14.09 24.80
N ASP A 154 12.10 15.11 24.20
CA ASP A 154 11.30 16.18 23.60
C ASP A 154 10.50 15.63 22.43
N LYS A 155 9.19 15.90 22.41
CA LYS A 155 8.32 15.34 21.39
C LYS A 155 8.59 15.95 20.02
N GLU A 156 8.88 17.25 19.98
CA GLU A 156 9.06 17.92 18.69
C GLU A 156 10.28 17.37 17.96
N THR A 157 11.38 17.15 18.68
CA THR A 157 12.58 16.61 18.05
C THR A 157 12.38 15.14 17.66
N ARG A 158 11.66 14.38 18.49
CA ARG A 158 11.43 12.97 18.19
C ARG A 158 10.65 12.78 16.90
N TYR A 159 9.70 13.67 16.63
CA TYR A 159 8.84 13.52 15.45
C TYR A 159 9.41 14.16 14.20
N ARG A 160 10.32 15.12 14.33
CA ARG A 160 10.95 15.75 13.18
C ARG A 160 12.25 15.08 12.77
N GLN A 161 12.94 14.45 13.70
CA GLN A 161 14.10 13.61 13.40
C GLN A 161 13.82 12.23 13.98
N ARG A 162 13.07 11.42 13.22
CA ARG A 162 12.68 10.10 13.71
C ARG A 162 13.87 9.16 13.79
N TYR A 163 14.90 9.41 12.99
CA TYR A 163 16.10 8.58 13.06
C TYR A 163 16.81 8.74 14.41
N LEU A 164 16.77 9.96 14.97
CA LEU A 164 17.30 10.15 16.32
C LEU A 164 16.47 9.39 17.35
N ASP A 165 15.15 9.41 17.18
CA ASP A 165 14.26 8.67 18.08
C ASP A 165 14.54 7.18 18.02
N LEU A 166 14.76 6.64 16.82
CA LEU A 166 14.96 5.20 16.66
C LEU A 166 16.34 4.78 17.16
N ILE A 167 17.34 5.64 17.06
CA ILE A 167 18.68 5.30 17.55
C ILE A 167 18.68 5.18 19.07
N LEU A 168 17.99 6.09 19.75
CA LEU A 168 18.14 6.25 21.20
C LEU A 168 17.04 5.62 22.03
N ASN A 169 15.82 5.51 21.51
CA ASN A 169 14.69 4.99 22.28
C ASN A 169 14.22 3.68 21.65
N ASP A 170 14.37 2.58 22.39
CA ASP A 170 13.99 1.28 21.87
C ASP A 170 12.51 0.96 22.08
N PHE A 171 11.78 1.78 22.84
CA PHE A 171 10.34 1.61 22.87
C PHE A 171 9.70 2.14 21.60
N VAL A 172 10.37 3.06 20.90
CA VAL A 172 9.87 3.55 19.63
C VAL A 172 9.99 2.48 18.56
N ARG A 173 11.14 1.78 18.53
CA ARG A 173 11.35 0.73 17.54
C ARG A 173 10.38 -0.43 17.74
N GLN A 174 9.96 -0.69 18.98
CA GLN A 174 9.01 -1.77 19.22
C GLN A 174 7.61 -1.40 18.74
N LYS A 175 7.23 -0.13 18.85
CA LYS A 175 5.91 0.29 18.37
C LYS A 175 5.77 0.04 16.87
N PHE A 176 6.81 0.35 16.10
CA PHE A 176 6.72 0.20 14.66
C PHE A 176 6.89 -1.25 14.22
N ILE A 177 7.47 -2.11 15.07
CA ILE A 177 7.42 -3.54 14.80
C ILE A 177 6.00 -4.07 15.02
N ILE A 178 5.33 -3.57 16.06
CA ILE A 178 3.94 -3.96 16.31
C ILE A 178 3.05 -3.54 15.15
N ARG A 179 3.24 -2.32 14.65
CA ARG A 179 2.39 -1.83 13.56
C ARG A 179 2.50 -2.71 12.32
N SER A 180 3.72 -3.17 12.00
CA SER A 180 3.87 -4.03 10.84
C SER A 180 3.32 -5.43 11.11
N LYS A 181 3.30 -5.84 12.37
CA LYS A 181 2.69 -7.13 12.71
C LYS A 181 1.17 -7.06 12.62
N ILE A 182 0.59 -5.89 12.87
CA ILE A 182 -0.85 -5.72 12.70
C ILE A 182 -1.23 -5.90 11.25
N ILE A 183 -0.51 -5.22 10.34
CA ILE A 183 -0.85 -5.27 8.93
C ILE A 183 -0.64 -6.68 8.37
N THR A 184 0.47 -7.32 8.72
CA THR A 184 0.72 -8.68 8.26
C THR A 184 -0.34 -9.65 8.76
N TYR A 185 -0.84 -9.43 9.98
CA TYR A 185 -1.89 -10.30 10.51
C TYR A 185 -3.17 -10.16 9.70
N ILE A 186 -3.57 -8.92 9.39
CA ILE A 186 -4.80 -8.69 8.64
C ILE A 186 -4.73 -9.37 7.27
N ARG A 187 -3.61 -9.21 6.57
CA ARG A 187 -3.46 -9.84 5.26
C ARG A 187 -3.63 -11.35 5.37
N SER A 188 -2.98 -11.96 6.37
CA SER A 188 -3.13 -13.40 6.58
C SER A 188 -4.58 -13.76 6.87
N PHE A 189 -5.25 -12.94 7.68
CA PHE A 189 -6.64 -13.23 8.05
C PHE A 189 -7.53 -13.25 6.82
N LEU A 190 -7.44 -12.21 5.98
CA LEU A 190 -8.34 -12.10 4.84
C LEU A 190 -7.92 -12.99 3.67
N ASP A 191 -6.61 -13.14 3.45
CA ASP A 191 -6.15 -14.05 2.40
C ASP A 191 -6.66 -15.48 2.65
N GLU A 192 -6.61 -15.91 3.91
CA GLU A 192 -7.10 -17.24 4.26
C GLU A 192 -8.58 -17.39 3.95
N LEU A 193 -9.34 -16.30 4.05
CA LEU A 193 -10.78 -16.32 3.81
C LEU A 193 -11.14 -16.17 2.34
N GLY A 194 -10.14 -16.15 1.45
CA GLY A 194 -10.40 -16.06 0.02
C GLY A 194 -10.49 -14.66 -0.54
N PHE A 195 -10.11 -13.64 0.23
CA PHE A 195 -10.15 -12.27 -0.28
C PHE A 195 -8.98 -12.02 -1.22
N LEU A 196 -9.23 -11.24 -2.27
CA LEU A 196 -8.21 -10.86 -3.23
C LEU A 196 -7.74 -9.45 -2.91
N GLU A 197 -6.44 -9.28 -2.71
CA GLU A 197 -5.84 -7.98 -2.45
C GLU A 197 -5.75 -7.20 -3.75
N ILE A 198 -6.34 -6.01 -3.77
CA ILE A 198 -6.47 -5.22 -4.99
C ILE A 198 -5.90 -3.83 -4.78
N GLU A 199 -5.64 -3.13 -5.88
CA GLU A 199 -5.22 -1.74 -5.88
C GLU A 199 -6.16 -0.93 -6.75
N THR A 200 -6.64 0.18 -6.22
CA THR A 200 -7.59 1.05 -6.90
C THR A 200 -7.06 2.47 -6.91
N PRO A 201 -7.53 3.31 -7.85
CA PRO A 201 -6.88 4.61 -8.05
C PRO A 201 -6.88 5.49 -6.82
N MET A 202 -5.74 6.11 -6.55
CA MET A 202 -5.60 7.11 -5.50
C MET A 202 -5.81 8.53 -6.02
N MET A 203 -5.84 8.71 -7.34
CA MET A 203 -6.19 9.98 -7.96
C MET A 203 -7.54 9.81 -8.66
N ASN A 204 -8.48 10.68 -8.36
CA ASN A 204 -9.86 10.52 -8.81
C ASN A 204 -10.32 11.76 -9.55
N ILE A 205 -11.10 11.54 -10.62
CA ILE A 205 -11.80 12.65 -11.25
C ILE A 205 -12.81 13.25 -10.27
N ILE A 206 -13.42 12.41 -9.45
CA ILE A 206 -14.36 12.83 -8.42
C ILE A 206 -14.11 11.97 -7.19
N PRO A 207 -13.81 12.57 -6.03
CA PRO A 207 -13.58 11.77 -4.84
C PRO A 207 -14.89 11.31 -4.21
N GLY A 208 -14.84 10.16 -3.56
CA GLY A 208 -16.05 9.61 -2.97
C GLY A 208 -15.72 8.49 -2.02
N GLY A 209 -16.77 7.97 -1.38
CA GLY A 209 -16.64 6.88 -0.44
C GLY A 209 -16.60 7.31 1.01
N ALA A 210 -16.66 8.61 1.29
CA ALA A 210 -16.63 9.11 2.66
C ALA A 210 -17.06 10.57 2.65
N VAL A 211 -17.31 11.09 3.85
CA VAL A 211 -17.62 12.50 4.04
C VAL A 211 -16.32 13.18 4.51
N ALA A 212 -15.71 13.97 3.62
CA ALA A 212 -14.40 14.53 3.90
C ALA A 212 -14.05 15.56 2.84
N LYS A 213 -13.15 16.48 3.21
CA LYS A 213 -12.65 17.49 2.29
C LYS A 213 -11.42 16.95 1.56
N PRO A 214 -11.39 17.01 0.23
CA PRO A 214 -10.30 16.38 -0.53
C PRO A 214 -9.15 17.34 -0.82
N PHE A 215 -8.02 16.74 -1.18
CA PHE A 215 -6.90 17.45 -1.76
C PHE A 215 -7.11 17.55 -3.27
N ILE A 216 -6.73 18.69 -3.84
CA ILE A 216 -6.91 18.95 -5.26
C ILE A 216 -5.54 19.01 -5.92
N THR A 217 -5.45 18.49 -7.14
CA THR A 217 -4.22 18.54 -7.93
C THR A 217 -4.57 18.61 -9.41
N TYR A 218 -3.54 18.63 -10.25
CA TYR A 218 -3.71 18.87 -11.68
C TYR A 218 -2.69 18.05 -12.46
N HIS A 219 -3.17 17.38 -13.51
CA HIS A 219 -2.32 16.60 -14.41
C HIS A 219 -2.09 17.42 -15.68
N ASN A 220 -0.83 17.72 -15.98
CA ASN A 220 -0.52 18.65 -17.06
C ASN A 220 -0.86 18.08 -18.43
N GLU A 221 -0.36 16.88 -18.75
CA GLU A 221 -0.51 16.35 -20.10
C GLU A 221 -1.98 16.17 -20.47
N LEU A 222 -2.77 15.61 -19.55
CA LEU A 222 -4.18 15.42 -19.85
C LEU A 222 -5.03 16.65 -19.57
N ASP A 223 -4.44 17.71 -19.02
CA ASP A 223 -5.14 18.97 -18.74
C ASP A 223 -6.43 18.73 -17.94
N MET A 224 -6.23 18.25 -16.72
CA MET A 224 -7.32 17.70 -15.94
C MET A 224 -7.09 17.95 -14.47
N ASN A 225 -8.14 18.39 -13.76
CA ASN A 225 -8.10 18.51 -12.31
C ASN A 225 -8.42 17.15 -11.70
N LEU A 226 -7.60 16.72 -10.75
CA LEU A 226 -7.80 15.46 -10.06
C LEU A 226 -7.84 15.68 -8.56
N TYR A 227 -8.43 14.73 -7.85
CA TYR A 227 -8.51 14.74 -6.40
C TYR A 227 -7.80 13.51 -5.86
N MET A 228 -7.10 13.69 -4.74
CA MET A 228 -6.59 12.53 -4.02
C MET A 228 -7.74 11.83 -3.30
N ARG A 229 -7.72 10.51 -3.32
CA ARG A 229 -8.87 9.75 -2.84
C ARG A 229 -9.07 9.93 -1.34
N ILE A 230 -10.34 10.03 -0.94
CA ILE A 230 -10.67 10.03 0.48
C ILE A 230 -10.99 8.62 0.98
N ALA A 231 -11.32 7.70 0.08
CA ALA A 231 -11.63 6.30 0.38
C ALA A 231 -11.71 5.51 -0.92
N PRO A 232 -11.40 4.21 -0.91
CA PRO A 232 -11.56 3.39 -2.11
C PRO A 232 -12.92 2.72 -2.25
N GLU A 233 -13.90 3.11 -1.43
CA GLU A 233 -15.15 2.36 -1.30
C GLU A 233 -15.84 2.17 -2.64
N LEU A 234 -15.96 3.23 -3.44
CA LEU A 234 -16.72 3.16 -4.68
C LEU A 234 -16.07 2.20 -5.67
N TYR A 235 -14.75 2.24 -5.77
CA TYR A 235 -14.06 1.33 -6.70
C TYR A 235 -14.24 -0.13 -6.28
N HIS A 236 -14.22 -0.40 -4.98
CA HIS A 236 -14.37 -1.78 -4.50
C HIS A 236 -15.72 -2.35 -4.88
N LYS A 237 -16.79 -1.58 -4.66
CA LYS A 237 -18.13 -2.06 -4.99
C LYS A 237 -18.29 -2.31 -6.48
N MET A 238 -17.61 -1.52 -7.31
CA MET A 238 -17.63 -1.77 -8.74
C MET A 238 -16.96 -3.11 -9.08
N LEU A 239 -15.96 -3.51 -8.29
CA LEU A 239 -15.34 -4.81 -8.51
C LEU A 239 -16.25 -5.95 -8.10
N VAL A 240 -17.08 -5.73 -7.08
CA VAL A 240 -18.07 -6.74 -6.69
C VAL A 240 -19.12 -6.88 -7.78
N VAL A 241 -19.50 -5.76 -8.40
CA VAL A 241 -20.36 -5.82 -9.59
C VAL A 241 -19.67 -6.64 -10.67
N GLY A 242 -18.35 -6.48 -10.81
CA GLY A 242 -17.58 -7.23 -11.79
C GLY A 242 -17.41 -8.69 -11.48
N GLY A 243 -17.87 -9.16 -10.32
CA GLY A 243 -17.84 -10.56 -10.00
C GLY A 243 -16.71 -11.02 -9.10
N ILE A 244 -15.91 -10.11 -8.58
CA ILE A 244 -14.90 -10.44 -7.58
C ILE A 244 -15.56 -10.28 -6.23
N ASP A 245 -16.01 -11.39 -5.65
CA ASP A 245 -16.93 -11.35 -4.52
C ASP A 245 -16.27 -10.90 -3.22
N ARG A 246 -14.96 -11.05 -3.08
CA ARG A 246 -14.27 -10.67 -1.86
C ARG A 246 -12.97 -9.95 -2.22
N VAL A 247 -12.93 -8.64 -1.99
CA VAL A 247 -11.76 -7.82 -2.27
C VAL A 247 -11.36 -7.10 -0.99
N TYR A 248 -10.09 -6.71 -0.94
CA TYR A 248 -9.61 -5.87 0.15
C TYR A 248 -8.38 -5.11 -0.32
N GLU A 249 -8.06 -4.05 0.42
CA GLU A 249 -6.96 -3.17 0.06
C GLU A 249 -6.46 -2.48 1.33
N ILE A 250 -5.16 -2.56 1.57
CA ILE A 250 -4.50 -1.78 2.61
C ILE A 250 -3.83 -0.61 1.92
N GLY A 251 -4.35 0.60 2.13
CA GLY A 251 -3.81 1.71 1.37
C GLY A 251 -4.04 3.03 2.06
N ARG A 252 -3.37 4.04 1.51
CA ARG A 252 -3.39 5.38 2.09
C ARG A 252 -4.63 6.13 1.65
N GLN A 253 -5.19 6.92 2.57
CA GLN A 253 -6.27 7.85 2.28
C GLN A 253 -5.80 9.26 2.60
N PHE A 254 -6.39 10.25 1.94
CA PHE A 254 -5.96 11.63 2.07
C PHE A 254 -7.17 12.51 2.38
N ARG A 255 -7.07 13.28 3.46
CA ARG A 255 -8.18 14.13 3.88
C ARG A 255 -7.63 15.49 4.29
N ASN A 256 -8.09 16.53 3.58
CA ASN A 256 -7.64 17.92 3.78
C ASN A 256 -8.31 18.49 5.03
N GLU A 257 -7.81 18.05 6.19
CA GLU A 257 -8.37 18.46 7.46
C GLU A 257 -7.24 18.67 8.46
N GLY A 258 -7.60 19.08 9.68
CA GLY A 258 -6.60 19.48 10.65
C GLY A 258 -6.02 18.31 11.42
N ILE A 259 -4.79 18.49 11.87
CA ILE A 259 -4.07 17.48 12.64
C ILE A 259 -4.47 17.59 14.10
N ASP A 260 -4.75 16.45 14.72
CA ASP A 260 -4.95 16.38 16.17
C ASP A 260 -4.44 15.01 16.63
N LEU A 261 -4.84 14.61 17.83
CA LEU A 261 -4.28 13.40 18.42
C LEU A 261 -4.77 12.12 17.76
N THR A 262 -5.77 12.18 16.89
CA THR A 262 -6.25 10.98 16.20
C THR A 262 -6.46 11.22 14.70
N HIS A 263 -5.86 12.27 14.14
CA HIS A 263 -6.06 12.61 12.73
C HIS A 263 -4.74 13.05 12.12
N ASN A 264 -4.34 12.38 11.04
CA ASN A 264 -3.25 12.80 10.18
C ASN A 264 -3.77 12.98 8.77
N PRO A 265 -3.31 14.00 8.04
CA PRO A 265 -3.89 14.27 6.70
C PRO A 265 -3.78 13.08 5.77
N GLU A 266 -2.78 12.24 5.94
CA GLU A 266 -2.68 10.96 5.24
C GLU A 266 -2.62 9.85 6.27
N PHE A 267 -3.42 8.80 6.07
CA PHE A 267 -3.51 7.70 7.01
C PHE A 267 -3.82 6.43 6.24
N THR A 268 -3.63 5.30 6.92
CA THR A 268 -3.75 3.97 6.32
C THR A 268 -5.00 3.29 6.82
N THR A 269 -5.80 2.77 5.90
CA THR A 269 -6.99 2.01 6.25
C THR A 269 -6.96 0.65 5.57
N CYS A 270 -7.74 -0.27 6.13
CA CYS A 270 -8.06 -1.54 5.49
C CYS A 270 -9.54 -1.53 5.18
N GLU A 271 -9.90 -1.71 3.91
CA GLU A 271 -11.27 -1.84 3.50
C GLU A 271 -11.44 -3.18 2.80
N PHE A 272 -12.48 -3.93 3.18
CA PHE A 272 -12.83 -5.15 2.46
C PHE A 272 -14.33 -5.19 2.22
N TYR A 273 -14.72 -5.91 1.17
CA TYR A 273 -16.12 -6.02 0.76
C TYR A 273 -16.41 -7.48 0.46
N MET A 274 -17.54 -7.97 0.97
CA MET A 274 -17.87 -9.39 0.94
C MET A 274 -19.27 -9.56 0.38
N ALA A 275 -19.37 -10.23 -0.77
CA ALA A 275 -20.67 -10.46 -1.38
C ALA A 275 -21.50 -11.45 -0.55
N TYR A 276 -22.81 -11.21 -0.52
CA TYR A 276 -23.80 -12.07 0.12
C TYR A 276 -23.69 -12.06 1.65
N ALA A 277 -23.04 -11.05 2.21
CA ALA A 277 -22.99 -10.83 3.66
C ALA A 277 -23.68 -9.53 4.03
N ASP A 278 -24.14 -9.44 5.26
CA ASP A 278 -24.71 -8.22 5.83
C ASP A 278 -23.85 -7.77 7.02
N TYR A 279 -24.23 -6.65 7.62
CA TYR A 279 -23.43 -6.08 8.70
C TYR A 279 -23.43 -6.96 9.95
N HIS A 280 -24.39 -7.88 10.09
CA HIS A 280 -24.33 -8.83 11.20
C HIS A 280 -23.18 -9.80 11.02
N ASP A 281 -22.94 -10.25 9.78
CA ASP A 281 -21.80 -11.11 9.51
C ASP A 281 -20.49 -10.41 9.85
N HIS A 282 -20.40 -9.12 9.57
CA HIS A 282 -19.15 -8.39 9.78
C HIS A 282 -18.88 -8.05 11.24
N MET A 283 -19.90 -8.02 12.09
CA MET A 283 -19.64 -7.83 13.52
C MET A 283 -18.91 -9.03 14.09
N GLU A 284 -19.25 -10.24 13.63
CA GLU A 284 -18.57 -11.43 14.11
C GLU A 284 -17.17 -11.52 13.53
N ILE A 285 -17.00 -11.12 12.26
CA ILE A 285 -15.67 -11.12 11.67
C ILE A 285 -14.77 -10.13 12.41
N THR A 286 -15.31 -8.95 12.74
CA THR A 286 -14.54 -7.96 13.48
C THR A 286 -14.11 -8.52 14.83
N GLU A 287 -15.04 -9.17 15.55
CA GLU A 287 -14.69 -9.79 16.83
C GLU A 287 -13.57 -10.81 16.65
N LYS A 288 -13.71 -11.70 15.66
CA LYS A 288 -12.72 -12.75 15.46
C LYS A 288 -11.37 -12.15 15.06
N MET A 289 -11.38 -11.13 14.20
CA MET A 289 -10.13 -10.57 13.71
C MET A 289 -9.44 -9.73 14.78
N VAL A 290 -10.20 -8.86 15.46
CA VAL A 290 -9.59 -7.94 16.41
C VAL A 290 -9.10 -8.67 17.65
N SER A 291 -9.91 -9.59 18.18
CA SER A 291 -9.49 -10.37 19.34
C SER A 291 -8.31 -11.27 18.98
N GLY A 292 -8.41 -11.98 17.86
CA GLY A 292 -7.30 -12.81 17.41
C GLY A 292 -6.03 -12.01 17.17
N MET A 293 -6.17 -10.79 16.64
CA MET A 293 -5.00 -9.97 16.39
C MET A 293 -4.36 -9.53 17.70
N VAL A 294 -5.17 -9.09 18.66
CA VAL A 294 -4.64 -8.68 19.95
C VAL A 294 -3.86 -9.83 20.57
N LYS A 295 -4.50 -11.00 20.66
CA LYS A 295 -3.89 -12.14 21.37
C LYS A 295 -2.60 -12.60 20.69
N HIS A 296 -2.56 -12.56 19.36
CA HIS A 296 -1.36 -13.00 18.67
C HIS A 296 -0.21 -12.02 18.85
N ILE A 297 -0.52 -10.74 19.05
CA ILE A 297 0.48 -9.70 19.24
C ILE A 297 0.87 -9.59 20.71
N THR A 298 -0.12 -9.36 21.57
CA THR A 298 0.15 -9.14 22.99
C THR A 298 0.52 -10.44 23.70
N GLY A 299 -0.29 -11.49 23.54
CA GLY A 299 -0.16 -12.74 24.29
C GLY A 299 -1.33 -13.05 25.19
N SER A 300 -2.28 -12.13 25.30
CA SER A 300 -3.47 -12.28 26.13
C SER A 300 -4.61 -11.53 25.45
N TYR A 301 -5.79 -11.61 26.03
CA TYR A 301 -6.89 -10.79 25.55
C TYR A 301 -7.01 -9.45 26.27
N LYS A 302 -6.07 -9.12 27.17
CA LYS A 302 -6.10 -7.88 27.93
C LYS A 302 -4.97 -6.95 27.53
N VAL A 303 -5.28 -5.66 27.42
CA VAL A 303 -4.33 -4.61 27.08
C VAL A 303 -4.50 -3.48 28.09
N THR A 304 -3.38 -3.02 28.66
CA THR A 304 -3.41 -1.93 29.62
C THR A 304 -3.52 -0.59 28.90
N TYR A 305 -4.39 0.28 29.43
CA TYR A 305 -4.74 1.53 28.77
C TYR A 305 -4.59 2.68 29.76
N HIS A 306 -3.75 3.66 29.42
CA HIS A 306 -3.47 4.82 30.25
C HIS A 306 -4.04 6.06 29.57
N PRO A 307 -5.28 6.46 29.86
CA PRO A 307 -5.82 7.65 29.19
C PRO A 307 -5.13 8.94 29.59
N ASP A 308 -4.58 9.02 30.80
CA ASP A 308 -3.97 10.24 31.31
C ASP A 308 -2.46 10.12 31.46
N GLY A 309 -1.81 9.36 30.58
CA GLY A 309 -0.38 9.24 30.60
C GLY A 309 0.12 8.21 31.60
N PRO A 310 1.45 8.05 31.65
CA PRO A 310 2.03 7.01 32.53
C PRO A 310 1.73 7.24 34.01
N GLU A 311 1.66 8.49 34.45
CA GLU A 311 1.39 8.81 35.84
C GLU A 311 -0.10 8.95 36.15
N GLY A 312 -0.96 8.42 35.30
CA GLY A 312 -2.39 8.45 35.52
C GLY A 312 -2.96 7.09 35.86
N GLN A 313 -4.29 7.01 35.81
CA GLN A 313 -4.98 5.75 36.07
C GLN A 313 -4.79 4.78 34.91
N ALA A 314 -4.77 3.50 35.23
CA ALA A 314 -4.60 2.43 34.26
C ALA A 314 -5.83 1.54 34.25
N TYR A 315 -6.36 1.27 33.06
CA TYR A 315 -7.54 0.45 32.88
C TYR A 315 -7.17 -0.76 32.04
N ASP A 316 -7.59 -1.94 32.46
CA ASP A 316 -7.36 -3.16 31.71
C ASP A 316 -8.53 -3.36 30.74
N VAL A 317 -8.23 -3.34 29.45
CA VAL A 317 -9.23 -3.45 28.40
C VAL A 317 -9.24 -4.90 27.92
N ASP A 318 -10.41 -5.54 28.01
CA ASP A 318 -10.58 -6.94 27.69
C ASP A 318 -11.13 -7.06 26.27
N PHE A 319 -10.39 -7.74 25.40
CA PHE A 319 -10.81 -7.96 24.02
C PHE A 319 -11.38 -9.35 23.79
N THR A 320 -11.87 -10.00 24.84
CA THR A 320 -12.48 -11.32 24.70
C THR A 320 -13.89 -11.16 24.13
N PRO A 321 -14.18 -11.75 22.98
CA PRO A 321 -15.53 -11.65 22.42
C PRO A 321 -16.54 -12.37 23.30
N PRO A 322 -17.83 -12.01 23.21
CA PRO A 322 -18.39 -10.98 22.31
C PRO A 322 -18.25 -9.55 22.83
N PHE A 323 -18.11 -8.60 21.90
CA PHE A 323 -18.06 -7.19 22.23
C PHE A 323 -19.45 -6.67 22.55
N ARG A 324 -19.50 -5.61 23.36
CA ARG A 324 -20.78 -5.01 23.70
C ARG A 324 -21.36 -4.25 22.51
N ARG A 325 -22.68 -4.35 22.34
CA ARG A 325 -23.40 -3.68 21.27
C ARG A 325 -24.39 -2.70 21.87
N ILE A 326 -24.42 -1.48 21.33
CA ILE A 326 -25.38 -0.46 21.72
C ILE A 326 -25.95 0.20 20.46
N ASN A 327 -27.21 0.61 20.54
CA ASN A 327 -27.86 1.33 19.46
C ASN A 327 -27.63 2.83 19.63
N MET A 328 -27.24 3.50 18.54
CA MET A 328 -26.79 4.88 18.63
C MET A 328 -27.86 5.81 19.19
N VAL A 329 -29.06 5.78 18.60
CA VAL A 329 -30.06 6.80 18.91
C VAL A 329 -30.59 6.63 20.33
N GLU A 330 -30.86 5.39 20.74
CA GLU A 330 -31.43 5.17 22.07
C GLU A 330 -30.44 5.52 23.17
N GLU A 331 -29.17 5.12 23.01
CA GLU A 331 -28.18 5.44 24.03
C GLU A 331 -27.85 6.93 24.03
N LEU A 332 -27.99 7.60 22.88
CA LEU A 332 -27.81 9.05 22.87
C LEU A 332 -28.98 9.75 23.56
N GLU A 333 -30.20 9.24 23.39
CA GLU A 333 -31.33 9.75 24.16
C GLU A 333 -31.13 9.54 25.65
N LYS A 334 -30.55 8.39 26.02
CA LYS A 334 -30.30 8.10 27.42
C LYS A 334 -29.30 9.09 28.01
N ALA A 335 -28.22 9.38 27.28
CA ALA A 335 -27.22 10.32 27.75
C ALA A 335 -27.79 11.73 27.85
N LEU A 336 -28.66 12.11 26.92
CA LEU A 336 -29.25 13.45 26.93
C LEU A 336 -30.36 13.61 27.97
N GLY A 337 -31.00 12.52 28.38
CA GLY A 337 -32.15 12.63 29.26
C GLY A 337 -33.39 13.15 28.57
N MET A 338 -33.49 12.97 27.25
CA MET A 338 -34.60 13.51 26.48
C MET A 338 -34.87 12.57 25.31
N LYS A 339 -36.13 12.55 24.89
CA LYS A 339 -36.52 11.78 23.71
C LYS A 339 -36.31 12.62 22.46
N LEU A 340 -35.68 12.03 21.47
CA LEU A 340 -35.51 12.65 20.17
C LEU A 340 -36.71 12.35 19.28
N PRO A 341 -36.91 13.13 18.21
CA PRO A 341 -37.97 12.80 17.26
C PRO A 341 -37.81 11.39 16.76
N GLU A 342 -38.91 10.80 16.32
CA GLU A 342 -38.88 9.43 15.84
C GLU A 342 -37.99 9.32 14.60
N THR A 343 -37.37 8.15 14.43
CA THR A 343 -36.26 8.03 13.49
C THR A 343 -36.68 8.30 12.06
N ASN A 344 -37.97 8.19 11.74
CA ASN A 344 -38.45 8.49 10.40
C ASN A 344 -38.61 9.99 10.17
N LEU A 345 -38.25 10.82 11.14
CA LEU A 345 -38.32 12.27 11.03
C LEU A 345 -36.94 12.91 11.02
N PHE A 346 -35.88 12.12 11.02
CA PHE A 346 -34.53 12.62 11.21
C PHE A 346 -34.02 13.44 10.03
N GLU A 347 -34.75 13.45 8.92
CA GLU A 347 -34.38 14.25 7.76
C GLU A 347 -35.18 15.53 7.64
N THR A 348 -36.11 15.80 8.55
CA THR A 348 -36.90 17.03 8.48
C THR A 348 -36.10 18.20 9.03
N GLU A 349 -36.50 19.41 8.64
CA GLU A 349 -35.83 20.61 9.11
C GLU A 349 -36.15 20.90 10.57
N GLU A 350 -37.36 20.55 11.02
CA GLU A 350 -37.70 20.73 12.43
C GLU A 350 -36.81 19.88 13.33
N THR A 351 -36.44 18.69 12.86
CA THR A 351 -35.55 17.85 13.65
C THR A 351 -34.15 18.44 13.71
N ARG A 352 -33.68 19.02 12.59
CA ARG A 352 -32.39 19.71 12.60
C ARG A 352 -32.41 20.89 13.58
N LYS A 353 -33.55 21.58 13.67
CA LYS A 353 -33.66 22.71 14.59
C LYS A 353 -33.78 22.24 16.03
N ILE A 354 -34.39 21.07 16.27
CA ILE A 354 -34.40 20.48 17.60
C ILE A 354 -32.98 20.11 18.02
N LEU A 355 -32.24 19.45 17.13
CA LEU A 355 -30.86 19.07 17.46
C LEU A 355 -29.97 20.29 17.61
N ASP A 356 -30.24 21.35 16.84
CA ASP A 356 -29.49 22.59 16.98
C ASP A 356 -29.66 23.18 18.37
N ASP A 357 -30.90 23.23 18.85
CA ASP A 357 -31.16 23.76 20.18
C ASP A 357 -30.48 22.92 21.27
N ILE A 358 -30.52 21.60 21.12
CA ILE A 358 -29.89 20.73 22.11
C ILE A 358 -28.40 20.98 22.18
N CYS A 359 -27.75 21.18 21.03
CA CYS A 359 -26.32 21.42 21.01
C CYS A 359 -25.95 22.69 21.78
N VAL A 360 -26.72 23.76 21.61
CA VAL A 360 -26.42 24.99 22.36
C VAL A 360 -26.76 24.79 23.84
N ALA A 361 -27.84 24.07 24.13
CA ALA A 361 -28.23 23.86 25.52
C ALA A 361 -27.22 23.00 26.27
N LYS A 362 -26.65 22.00 25.60
CA LYS A 362 -25.67 21.12 26.21
C LYS A 362 -24.24 21.58 25.95
N ALA A 363 -24.07 22.77 25.36
CA ALA A 363 -22.76 23.40 25.20
C ALA A 363 -21.82 22.57 24.34
N VAL A 364 -22.35 21.80 23.39
CA VAL A 364 -21.51 21.04 22.47
C VAL A 364 -21.41 21.84 21.17
N GLU A 365 -20.21 22.32 20.89
CA GLU A 365 -19.97 23.18 19.74
C GLU A 365 -20.05 22.40 18.43
N CYS A 366 -20.59 23.05 17.40
CA CYS A 366 -20.57 22.53 16.05
C CYS A 366 -20.30 23.65 15.07
N PRO A 367 -19.12 23.68 14.44
CA PRO A 367 -18.85 24.72 13.45
C PRO A 367 -19.80 24.58 12.27
N PRO A 368 -20.06 25.68 11.57
CA PRO A 368 -21.01 25.63 10.44
C PRO A 368 -20.46 24.80 9.29
N PRO A 369 -21.34 24.23 8.45
CA PRO A 369 -22.81 24.28 8.55
C PRO A 369 -23.36 23.35 9.64
N ARG A 370 -24.37 23.82 10.37
CA ARG A 370 -24.97 23.03 11.45
C ARG A 370 -26.06 22.13 10.88
N THR A 371 -25.61 21.17 10.08
CA THR A 371 -26.50 20.16 9.51
C THR A 371 -26.84 19.10 10.55
N THR A 372 -27.93 18.36 10.28
CA THR A 372 -28.31 17.25 11.15
C THR A 372 -27.18 16.24 11.30
N ALA A 373 -26.54 15.87 10.19
CA ALA A 373 -25.48 14.87 10.26
C ALA A 373 -24.32 15.33 11.12
N ARG A 374 -23.97 16.62 11.04
CA ARG A 374 -22.84 17.14 11.79
C ARG A 374 -23.19 17.41 13.26
N LEU A 375 -24.42 17.84 13.54
CA LEU A 375 -24.83 18.00 14.93
C LEU A 375 -24.92 16.64 15.63
N LEU A 376 -25.50 15.65 14.95
CA LEU A 376 -25.55 14.29 15.49
C LEU A 376 -24.14 13.76 15.74
N ASP A 377 -23.21 14.01 14.82
CA ASP A 377 -21.85 13.52 14.98
C ASP A 377 -21.17 14.15 16.21
N LYS A 378 -21.42 15.45 16.45
CA LYS A 378 -20.85 16.08 17.63
C LYS A 378 -21.47 15.54 18.91
N LEU A 379 -22.79 15.31 18.90
CA LEU A 379 -23.44 14.76 20.09
C LEU A 379 -22.95 13.36 20.41
N VAL A 380 -22.76 12.53 19.37
CA VAL A 380 -22.26 11.19 19.59
C VAL A 380 -20.84 11.23 20.16
N GLY A 381 -20.01 12.14 19.65
CA GLY A 381 -18.66 12.27 20.15
C GLY A 381 -18.60 12.72 21.60
N GLU A 382 -19.56 13.54 22.04
CA GLU A 382 -19.51 14.08 23.39
C GLU A 382 -20.09 13.11 24.42
N PHE A 383 -21.14 12.37 24.07
CA PHE A 383 -21.92 11.64 25.06
C PHE A 383 -21.75 10.13 25.01
N LEU A 384 -21.47 9.55 23.85
CA LEU A 384 -21.37 8.09 23.72
C LEU A 384 -19.94 7.64 23.51
N GLU A 385 -19.22 8.26 22.57
CA GLU A 385 -17.93 7.75 22.16
C GLU A 385 -16.87 7.87 23.24
N VAL A 386 -17.05 8.80 24.18
CA VAL A 386 -16.11 8.96 25.27
C VAL A 386 -16.23 7.84 26.30
N THR A 387 -17.40 7.19 26.40
CA THR A 387 -17.62 6.13 27.36
C THR A 387 -17.20 4.76 26.84
N CYS A 388 -16.71 4.65 25.60
CA CYS A 388 -16.37 3.36 25.01
C CYS A 388 -14.89 3.10 25.24
N ILE A 389 -14.57 2.42 26.35
CA ILE A 389 -13.21 1.99 26.63
C ILE A 389 -13.02 0.57 26.14
N ASN A 390 -13.85 -0.35 26.61
CA ASN A 390 -13.86 -1.70 26.07
C ASN A 390 -14.37 -1.67 24.62
N PRO A 391 -13.99 -2.66 23.82
CA PRO A 391 -14.48 -2.71 22.43
C PRO A 391 -16.01 -2.71 22.40
N THR A 392 -16.57 -1.71 21.73
CA THR A 392 -18.00 -1.47 21.73
C THR A 392 -18.50 -1.23 20.32
N PHE A 393 -19.59 -1.89 19.95
CA PHE A 393 -20.27 -1.64 18.68
C PHE A 393 -21.36 -0.60 18.91
N ILE A 394 -21.31 0.49 18.15
CA ILE A 394 -22.41 1.44 18.05
C ILE A 394 -23.12 1.17 16.73
N CYS A 395 -24.42 0.88 16.80
CA CYS A 395 -25.13 0.32 15.65
C CYS A 395 -26.29 1.19 15.21
N ASP A 396 -26.74 0.93 13.99
CA ASP A 396 -27.98 1.47 13.42
C ASP A 396 -27.96 3.00 13.35
N HIS A 397 -26.98 3.51 12.61
CA HIS A 397 -26.87 4.95 12.40
C HIS A 397 -28.04 5.46 11.55
N PRO A 398 -28.49 6.69 11.81
CA PRO A 398 -29.52 7.28 10.95
C PRO A 398 -29.05 7.38 9.50
N GLN A 399 -30.01 7.26 8.57
CA GLN A 399 -29.66 7.33 7.16
C GLN A 399 -28.98 8.65 6.81
N ILE A 400 -29.35 9.73 7.48
CA ILE A 400 -28.81 11.04 7.15
C ILE A 400 -27.33 11.18 7.50
N MET A 401 -26.78 10.23 8.26
CA MET A 401 -25.35 10.18 8.50
C MET A 401 -24.65 9.10 7.67
N SER A 402 -25.39 8.35 6.86
CA SER A 402 -24.85 7.21 6.13
C SER A 402 -25.39 7.20 4.71
N PRO A 403 -24.87 8.07 3.83
CA PRO A 403 -25.41 8.15 2.46
C PRO A 403 -25.12 6.92 1.61
N LEU A 404 -24.20 6.05 2.01
CA LEU A 404 -23.87 4.87 1.23
C LEU A 404 -24.32 3.57 1.89
N ALA A 405 -24.95 3.63 3.06
CA ALA A 405 -25.38 2.43 3.77
C ALA A 405 -26.82 2.08 3.44
N LYS A 406 -27.11 0.78 3.42
CA LYS A 406 -28.44 0.30 3.11
C LYS A 406 -29.41 0.54 4.28
N TRP A 407 -30.66 0.83 3.94
CA TRP A 407 -31.67 1.12 4.95
C TRP A 407 -31.89 -0.06 5.87
N HIS A 408 -32.19 0.24 7.13
CA HIS A 408 -32.46 -0.82 8.11
C HIS A 408 -33.76 -1.53 7.77
N ARG A 409 -33.75 -2.86 7.89
CA ARG A 409 -34.91 -3.65 7.48
C ARG A 409 -36.08 -3.60 8.44
N SER A 410 -35.93 -3.05 9.65
CA SER A 410 -37.03 -2.91 10.59
C SER A 410 -37.26 -1.49 11.04
N LYS A 411 -36.20 -0.68 11.14
CA LYS A 411 -36.28 0.64 11.75
C LYS A 411 -36.12 1.67 10.63
N GLU A 412 -37.24 2.26 10.21
CA GLU A 412 -37.18 3.23 9.13
C GLU A 412 -36.52 4.51 9.60
N GLY A 413 -35.69 5.08 8.75
CA GLY A 413 -34.85 6.21 9.10
C GLY A 413 -33.44 5.83 9.52
N LEU A 414 -33.19 4.56 9.83
CA LEU A 414 -31.88 4.09 10.24
C LEU A 414 -31.28 3.18 9.16
N THR A 415 -30.02 2.81 9.35
CA THR A 415 -29.29 1.97 8.40
C THR A 415 -28.71 0.77 9.13
N GLU A 416 -28.23 -0.18 8.33
CA GLU A 416 -27.59 -1.39 8.85
C GLU A 416 -26.09 -1.11 8.93
N ARG A 417 -25.71 -0.33 9.94
CA ARG A 417 -24.36 0.19 10.07
C ARG A 417 -23.86 0.00 11.49
N PHE A 418 -22.55 -0.19 11.64
CA PHE A 418 -21.93 -0.19 12.95
C PHE A 418 -20.55 0.44 12.88
N GLU A 419 -20.10 0.92 14.03
CA GLU A 419 -18.74 1.41 14.23
C GLU A 419 -18.17 0.76 15.48
N LEU A 420 -16.90 0.37 15.42
CA LEU A 420 -16.20 -0.21 16.55
C LEU A 420 -15.39 0.87 17.25
N PHE A 421 -15.61 1.03 18.55
CA PHE A 421 -14.88 2.00 19.35
C PHE A 421 -14.06 1.26 20.40
N VAL A 422 -12.78 1.62 20.50
CA VAL A 422 -11.86 1.04 21.46
C VAL A 422 -11.10 2.17 22.12
N MET A 423 -11.13 2.22 23.45
CA MET A 423 -10.39 3.21 24.22
C MET A 423 -10.65 4.63 23.70
N LYS A 424 -11.94 4.94 23.54
CA LYS A 424 -12.45 6.26 23.20
C LYS A 424 -12.18 6.66 21.76
N LYS A 425 -11.67 5.76 20.92
CA LYS A 425 -11.35 6.08 19.53
C LYS A 425 -12.13 5.20 18.57
N GLU A 426 -12.54 5.77 17.44
CA GLU A 426 -13.19 5.00 16.40
C GLU A 426 -12.14 4.14 15.67
N ILE A 427 -12.46 2.86 15.50
CA ILE A 427 -11.54 1.91 14.88
C ILE A 427 -12.09 1.38 13.57
N CYS A 428 -13.38 1.06 13.52
CA CYS A 428 -13.97 0.42 12.36
C CYS A 428 -15.22 1.17 11.90
N ASN A 429 -15.50 1.07 10.61
CA ASN A 429 -16.74 1.57 10.03
C ASN A 429 -17.19 0.56 8.98
N ALA A 430 -18.42 0.07 9.13
CA ALA A 430 -18.90 -1.01 8.28
C ALA A 430 -20.42 -0.91 8.18
N TYR A 431 -20.95 -1.38 7.05
CA TYR A 431 -22.40 -1.44 6.89
C TYR A 431 -22.75 -2.37 5.74
N THR A 432 -24.02 -2.75 5.71
CA THR A 432 -24.59 -3.38 4.53
C THR A 432 -24.66 -2.36 3.41
N GLU A 433 -24.10 -2.70 2.26
CA GLU A 433 -23.95 -1.72 1.18
C GLU A 433 -25.29 -1.46 0.50
N LEU A 434 -25.55 -0.18 0.25
CA LEU A 434 -26.74 0.22 -0.51
C LEU A 434 -26.55 -0.13 -1.97
N ASN A 435 -27.36 -1.06 -2.48
CA ASN A 435 -27.23 -1.52 -3.86
C ASN A 435 -28.45 -1.18 -4.71
N ASP A 436 -29.38 -0.37 -4.20
CA ASP A 436 -30.48 0.17 -4.99
C ASP A 436 -29.96 1.42 -5.71
N PRO A 437 -29.77 1.35 -7.03
CA PRO A 437 -29.17 2.49 -7.73
C PRO A 437 -30.03 3.75 -7.71
N MET A 438 -31.35 3.60 -7.74
CA MET A 438 -32.23 4.77 -7.71
C MET A 438 -32.20 5.44 -6.34
N ARG A 439 -32.25 4.64 -5.27
CA ARG A 439 -32.17 5.22 -3.93
C ARG A 439 -30.79 5.81 -3.64
N GLN A 440 -29.74 5.20 -4.19
CA GLN A 440 -28.40 5.76 -4.01
C GLN A 440 -28.25 7.09 -4.73
N ARG A 441 -28.89 7.25 -5.89
CA ARG A 441 -28.83 8.52 -6.60
C ARG A 441 -29.52 9.63 -5.84
N GLN A 442 -30.68 9.33 -5.23
CA GLN A 442 -31.41 10.34 -4.48
C GLN A 442 -30.59 10.86 -3.31
N LEU A 443 -29.88 9.97 -2.60
CA LEU A 443 -29.05 10.41 -1.50
C LEU A 443 -27.82 11.17 -1.99
N PHE A 444 -27.36 10.87 -3.21
CA PHE A 444 -26.29 11.68 -3.80
C PHE A 444 -26.77 13.10 -4.09
N GLU A 445 -28.03 13.24 -4.53
CA GLU A 445 -28.55 14.57 -4.82
C GLU A 445 -28.78 15.39 -3.57
N GLU A 446 -29.10 14.75 -2.45
CA GLU A 446 -29.21 15.48 -1.20
C GLU A 446 -27.84 15.92 -0.70
N GLN A 447 -26.83 15.05 -0.84
CA GLN A 447 -25.47 15.43 -0.47
C GLN A 447 -24.97 16.58 -1.33
N ALA A 448 -25.34 16.59 -2.61
CA ALA A 448 -24.88 17.64 -3.51
C ALA A 448 -25.50 18.99 -3.14
N LYS A 449 -26.77 19.00 -2.75
CA LYS A 449 -27.39 20.24 -2.31
C LYS A 449 -26.73 20.76 -1.04
N ALA A 450 -26.39 19.85 -0.12
CA ALA A 450 -25.66 20.24 1.09
C ALA A 450 -24.32 20.86 0.74
N LYS A 451 -23.65 20.36 -0.30
CA LYS A 451 -22.38 20.94 -0.71
C LYS A 451 -22.56 22.34 -1.27
N ALA A 452 -23.54 22.51 -2.17
CA ALA A 452 -23.86 23.86 -2.65
C ALA A 452 -24.30 24.76 -1.53
N ALA A 453 -24.67 24.21 -0.38
CA ALA A 453 -25.09 24.97 0.78
C ALA A 453 -23.97 25.19 1.80
N GLY A 454 -22.71 24.91 1.42
CA GLY A 454 -21.56 25.32 2.20
C GLY A 454 -20.67 24.19 2.70
N ASP A 455 -21.12 22.93 2.64
CA ASP A 455 -20.37 21.81 3.18
C ASP A 455 -19.33 21.33 2.15
N ASP A 456 -18.06 21.66 2.37
CA ASP A 456 -17.03 21.15 1.46
C ASP A 456 -16.79 19.65 1.63
N GLU A 457 -17.27 19.06 2.74
CA GLU A 457 -17.06 17.63 2.97
C GLU A 457 -18.17 16.77 2.39
N ALA A 458 -19.26 17.37 1.91
CA ALA A 458 -20.33 16.61 1.29
C ALA A 458 -19.83 15.89 0.04
N MET A 459 -20.55 14.83 -0.34
CA MET A 459 -20.11 14.00 -1.44
C MET A 459 -20.53 14.60 -2.78
N PHE A 460 -19.67 14.40 -3.78
CA PHE A 460 -20.06 14.70 -5.15
C PHE A 460 -21.00 13.63 -5.67
N ILE A 461 -21.77 13.99 -6.68
CA ILE A 461 -22.59 12.99 -7.38
C ILE A 461 -21.67 12.22 -8.33
N ASP A 462 -21.57 10.91 -8.13
CA ASP A 462 -20.75 10.04 -8.97
C ASP A 462 -21.71 9.24 -9.84
N GLU A 463 -21.94 9.73 -11.06
CA GLU A 463 -22.87 9.05 -11.96
C GLU A 463 -22.28 7.76 -12.51
N ASN A 464 -20.94 7.69 -12.62
CA ASN A 464 -20.30 6.44 -13.02
C ASN A 464 -20.60 5.32 -12.04
N PHE A 465 -20.50 5.62 -10.73
CA PHE A 465 -20.79 4.61 -9.72
C PHE A 465 -22.27 4.21 -9.76
N CYS A 466 -23.16 5.20 -9.91
CA CYS A 466 -24.58 4.90 -10.01
C CYS A 466 -24.87 4.03 -11.23
N THR A 467 -24.20 4.29 -12.35
CA THR A 467 -24.36 3.45 -13.53
C THR A 467 -23.96 2.01 -13.23
N ALA A 468 -22.85 1.84 -12.51
CA ALA A 468 -22.41 0.50 -12.13
C ALA A 468 -23.44 -0.21 -11.26
N LEU A 469 -24.09 0.53 -10.36
CA LEU A 469 -25.10 -0.07 -9.51
C LEU A 469 -26.33 -0.51 -10.31
N GLU A 470 -26.54 0.07 -11.49
CA GLU A 470 -27.65 -0.33 -12.34
C GLU A 470 -27.39 -1.65 -13.06
N TYR A 471 -26.14 -2.10 -13.11
CA TYR A 471 -25.84 -3.41 -13.67
C TYR A 471 -26.01 -4.53 -12.65
N GLY A 472 -26.29 -4.19 -11.39
CA GLY A 472 -26.56 -5.19 -10.38
C GLY A 472 -25.40 -5.45 -9.44
N LEU A 473 -25.46 -4.85 -8.25
CA LEU A 473 -24.53 -5.18 -7.19
C LEU A 473 -25.20 -6.18 -6.27
N PRO A 474 -24.66 -7.38 -6.09
CA PRO A 474 -25.29 -8.35 -5.19
C PRO A 474 -25.34 -7.80 -3.77
N PRO A 475 -26.23 -8.33 -2.93
CA PRO A 475 -26.20 -7.96 -1.50
C PRO A 475 -24.80 -8.10 -0.92
N THR A 476 -24.26 -7.01 -0.40
CA THR A 476 -22.86 -6.92 -0.02
C THR A 476 -22.74 -6.16 1.29
N ALA A 477 -21.70 -6.49 2.04
CA ALA A 477 -21.33 -5.75 3.24
C ALA A 477 -19.87 -5.34 3.14
N GLY A 478 -19.59 -4.09 3.51
CA GLY A 478 -18.25 -3.56 3.47
C GLY A 478 -17.76 -3.21 4.87
N TRP A 479 -16.47 -2.88 4.95
CA TRP A 479 -15.80 -2.78 6.24
C TRP A 479 -14.55 -1.93 6.08
N GLY A 480 -14.29 -1.07 7.05
CA GLY A 480 -13.12 -0.23 7.01
C GLY A 480 -12.49 -0.05 8.38
N MET A 481 -11.17 -0.12 8.46
CA MET A 481 -10.46 -0.04 9.73
C MET A 481 -9.30 0.92 9.60
N GLY A 482 -9.15 1.82 10.57
CA GLY A 482 -8.00 2.69 10.63
C GLY A 482 -6.80 1.97 11.21
N ILE A 483 -5.81 1.68 10.37
CA ILE A 483 -4.64 0.93 10.80
C ILE A 483 -3.89 1.70 11.87
N ASP A 484 -3.71 3.01 11.67
CA ASP A 484 -3.02 3.83 12.65
C ASP A 484 -3.77 3.84 13.99
N ARG A 485 -5.10 3.82 13.95
CA ARG A 485 -5.87 3.82 15.19
C ARG A 485 -5.72 2.49 15.93
N VAL A 486 -5.56 1.38 15.21
CA VAL A 486 -5.29 0.10 15.86
C VAL A 486 -3.92 0.10 16.51
N ALA A 487 -2.90 0.57 15.78
CA ALA A 487 -1.57 0.65 16.35
C ALA A 487 -1.53 1.55 17.59
N MET A 488 -2.43 2.54 17.65
CA MET A 488 -2.50 3.40 18.83
C MET A 488 -2.87 2.61 20.07
N PHE A 489 -3.98 1.86 20.02
CA PHE A 489 -4.45 1.19 21.22
C PHE A 489 -3.71 -0.11 21.51
N LEU A 490 -2.92 -0.63 20.56
CA LEU A 490 -2.09 -1.79 20.85
C LEU A 490 -0.71 -1.40 21.38
N THR A 491 -0.35 -0.12 21.31
CA THR A 491 0.88 0.39 21.89
C THR A 491 0.62 1.35 23.04
N ASP A 492 -0.64 1.45 23.49
CA ASP A 492 -1.05 2.37 24.56
C ASP A 492 -0.57 3.79 24.27
N SER A 493 -0.87 4.27 23.08
CA SER A 493 -0.52 5.61 22.64
C SER A 493 -1.79 6.45 22.50
N ASN A 494 -1.81 7.60 23.14
CA ASN A 494 -2.91 8.54 23.01
C ASN A 494 -2.70 9.55 21.89
N ASN A 495 -1.52 9.57 21.27
CA ASN A 495 -1.19 10.51 20.20
C ASN A 495 -0.85 9.70 18.95
N ILE A 496 -1.56 9.97 17.85
CA ILE A 496 -1.35 9.23 16.62
C ILE A 496 0.06 9.43 16.06
N LYS A 497 0.73 10.51 16.46
CA LYS A 497 2.10 10.74 15.99
C LYS A 497 3.08 9.69 16.51
N GLU A 498 2.69 8.94 17.54
CA GLU A 498 3.56 7.90 18.07
C GLU A 498 3.63 6.67 17.16
N VAL A 499 2.64 6.48 16.30
CA VAL A 499 2.54 5.29 15.46
C VAL A 499 2.74 5.63 13.99
N LEU A 500 3.21 6.82 13.67
CA LEU A 500 3.57 7.21 12.31
C LEU A 500 5.06 7.51 12.26
N LEU A 501 5.76 6.90 11.30
CA LEU A 501 7.20 7.08 11.23
C LEU A 501 7.58 8.53 11.01
N PHE A 502 6.85 9.22 10.13
CA PHE A 502 7.08 10.64 9.85
C PHE A 502 5.74 11.35 9.85
N PRO A 503 5.21 11.68 11.03
CA PRO A 503 3.90 12.33 11.11
C PRO A 503 3.94 13.74 10.54
N ALA A 504 2.76 14.23 10.17
CA ALA A 504 2.64 15.59 9.68
C ALA A 504 2.82 16.57 10.83
N MET A 505 3.61 17.61 10.59
CA MET A 505 3.94 18.59 11.61
C MET A 505 3.72 19.99 11.05
N LYS A 506 3.41 20.93 11.93
CA LYS A 506 3.44 22.32 11.51
C LYS A 506 4.90 22.69 11.24
N PRO A 507 5.19 23.39 10.14
CA PRO A 507 6.59 23.62 9.71
C PRO A 507 7.41 24.44 10.71
N ASP B 4 -32.49 0.86 -28.94
CA ASP B 4 -32.95 -0.34 -28.23
C ASP B 4 -32.38 -0.44 -26.81
N PRO B 5 -31.06 -0.31 -26.62
CA PRO B 5 -30.53 -0.34 -25.25
C PRO B 5 -31.11 0.75 -24.37
N ASN B 6 -31.34 1.94 -24.92
CA ASN B 6 -31.93 3.02 -24.14
C ASN B 6 -33.35 2.68 -23.71
N GLN B 7 -34.14 2.08 -24.60
CA GLN B 7 -35.50 1.71 -24.25
C GLN B 7 -35.53 0.56 -23.26
N TYR B 8 -34.61 -0.40 -23.40
CA TYR B 8 -34.50 -1.47 -22.42
C TYR B 8 -34.29 -0.93 -21.01
N TYR B 9 -33.40 0.06 -20.87
CA TYR B 9 -33.11 0.62 -19.56
C TYR B 9 -34.35 1.29 -18.96
N LYS B 10 -35.10 2.02 -19.77
CA LYS B 10 -36.30 2.69 -19.27
C LYS B 10 -37.38 1.68 -18.90
N ILE B 11 -37.60 0.68 -19.75
CA ILE B 11 -38.64 -0.31 -19.50
C ILE B 11 -38.32 -1.10 -18.23
N ARG B 12 -37.08 -1.57 -18.10
CA ARG B 12 -36.72 -2.39 -16.95
C ARG B 12 -36.67 -1.56 -15.67
N SER B 13 -36.18 -0.31 -15.75
CA SER B 13 -36.24 0.57 -14.60
C SER B 13 -37.67 0.77 -14.13
N GLN B 14 -38.61 0.82 -15.08
CA GLN B 14 -40.02 0.91 -14.73
C GLN B 14 -40.50 -0.36 -14.04
N ALA B 15 -40.14 -1.52 -14.60
CA ALA B 15 -40.56 -2.80 -14.02
C ALA B 15 -40.04 -2.95 -12.59
N ILE B 16 -38.76 -2.63 -12.37
CA ILE B 16 -38.19 -2.77 -11.03
C ILE B 16 -38.88 -1.84 -10.05
N HIS B 17 -39.16 -0.61 -10.46
CA HIS B 17 -39.88 0.32 -9.59
C HIS B 17 -41.25 -0.21 -9.22
N GLN B 18 -41.95 -0.83 -10.17
CA GLN B 18 -43.26 -1.39 -9.88
C GLN B 18 -43.17 -2.51 -8.84
N LEU B 19 -42.10 -3.31 -8.91
CA LEU B 19 -41.88 -4.36 -7.91
C LEU B 19 -41.72 -3.77 -6.53
N LYS B 20 -40.99 -2.66 -6.41
CA LYS B 20 -40.79 -2.02 -5.11
C LYS B 20 -42.14 -1.65 -4.50
N VAL B 21 -42.99 -0.98 -5.28
CA VAL B 21 -44.27 -0.52 -4.74
C VAL B 21 -45.23 -1.68 -4.52
N ASN B 22 -45.04 -2.79 -5.26
CA ASN B 22 -45.82 -4.00 -5.04
C ASN B 22 -45.34 -4.81 -3.85
N GLY B 23 -44.39 -4.28 -3.08
CA GLY B 23 -43.84 -4.98 -1.93
C GLY B 23 -42.98 -6.16 -2.28
N GLU B 24 -42.55 -6.26 -3.54
CA GLU B 24 -41.63 -7.31 -3.99
C GLU B 24 -40.26 -6.66 -4.06
N ASP B 25 -39.61 -6.54 -2.90
CA ASP B 25 -38.29 -5.92 -2.80
C ASP B 25 -37.28 -6.60 -3.72
N PRO B 26 -36.95 -5.97 -4.86
CA PRO B 26 -35.96 -6.56 -5.77
C PRO B 26 -34.52 -6.45 -5.27
N TYR B 27 -34.29 -5.76 -4.15
CA TYR B 27 -32.97 -5.66 -3.53
C TYR B 27 -33.03 -6.12 -2.08
N PRO B 28 -33.23 -7.43 -1.85
CA PRO B 28 -33.31 -7.92 -0.47
C PRO B 28 -31.99 -7.78 0.27
N HIS B 29 -32.09 -7.78 1.60
CA HIS B 29 -30.95 -7.46 2.44
C HIS B 29 -29.94 -8.60 2.52
N LYS B 30 -30.42 -9.83 2.72
CA LYS B 30 -29.51 -10.95 2.98
C LYS B 30 -30.06 -12.23 2.37
N PHE B 31 -29.20 -12.95 1.66
CA PHE B 31 -29.51 -14.28 1.14
C PHE B 31 -28.41 -15.23 1.60
N HIS B 32 -28.79 -16.28 2.32
CA HIS B 32 -27.80 -17.20 2.88
C HIS B 32 -27.37 -18.20 1.81
N VAL B 33 -26.11 -18.09 1.39
CA VAL B 33 -25.52 -19.02 0.42
C VAL B 33 -24.94 -20.21 1.17
N ASP B 34 -25.37 -21.41 0.80
CA ASP B 34 -24.91 -22.62 1.47
C ASP B 34 -23.57 -23.10 0.95
N ILE B 35 -23.34 -22.98 -0.35
CA ILE B 35 -22.15 -23.54 -0.98
C ILE B 35 -21.77 -22.66 -2.16
N SER B 36 -20.47 -22.51 -2.38
CA SER B 36 -20.00 -21.76 -3.53
C SER B 36 -20.20 -22.58 -4.80
N LEU B 37 -20.27 -21.86 -5.93
CA LEU B 37 -20.41 -22.52 -7.21
C LEU B 37 -19.21 -23.43 -7.50
N THR B 38 -18.00 -22.96 -7.17
CA THR B 38 -16.80 -23.79 -7.35
C THR B 38 -16.90 -25.07 -6.53
N ASP B 39 -17.22 -24.94 -5.24
CA ASP B 39 -17.36 -26.12 -4.39
C ASP B 39 -18.54 -26.98 -4.82
N PHE B 40 -19.57 -26.38 -5.41
CA PHE B 40 -20.72 -27.15 -5.89
C PHE B 40 -20.32 -28.11 -7.01
N ILE B 41 -19.49 -27.63 -7.95
CA ILE B 41 -19.14 -28.47 -9.08
C ILE B 41 -18.21 -29.58 -8.66
N GLN B 42 -17.19 -29.26 -7.86
CA GLN B 42 -16.24 -30.28 -7.42
C GLN B 42 -16.94 -31.32 -6.55
N LYS B 43 -18.01 -30.94 -5.86
CA LYS B 43 -18.74 -31.86 -5.01
C LYS B 43 -19.75 -32.72 -5.76
N TYR B 44 -20.22 -32.28 -6.94
CA TYR B 44 -21.28 -32.99 -7.64
C TYR B 44 -21.03 -33.21 -9.13
N SER B 45 -19.82 -32.93 -9.62
CA SER B 45 -19.53 -33.19 -11.03
C SER B 45 -19.57 -34.67 -11.39
N HIS B 46 -19.44 -35.56 -10.41
CA HIS B 46 -19.37 -36.99 -10.67
C HIS B 46 -20.68 -37.59 -11.15
N LEU B 47 -21.80 -36.88 -11.00
CA LEU B 47 -23.10 -37.48 -11.29
C LEU B 47 -23.24 -37.85 -12.76
N GLN B 48 -24.25 -38.69 -13.02
CA GLN B 48 -24.54 -39.25 -14.33
C GLN B 48 -25.76 -38.58 -14.94
N PRO B 49 -25.89 -38.60 -16.27
CA PRO B 49 -27.05 -37.98 -16.92
C PRO B 49 -28.36 -38.54 -16.40
N GLY B 50 -29.28 -37.65 -16.03
CA GLY B 50 -30.58 -38.01 -15.52
C GLY B 50 -30.69 -38.03 -14.01
N ASP B 51 -29.56 -37.93 -13.30
CA ASP B 51 -29.59 -38.01 -11.84
C ASP B 51 -30.26 -36.78 -11.25
N HIS B 52 -30.89 -36.96 -10.08
CA HIS B 52 -31.55 -35.87 -9.39
C HIS B 52 -31.62 -36.22 -7.90
N LEU B 53 -30.75 -35.60 -7.12
CA LEU B 53 -30.62 -35.95 -5.70
C LEU B 53 -31.71 -35.20 -4.95
N THR B 54 -32.82 -35.88 -4.68
CA THR B 54 -33.92 -35.28 -3.92
C THR B 54 -33.55 -35.08 -2.46
N ASP B 55 -32.61 -35.87 -1.96
CA ASP B 55 -32.18 -35.83 -0.57
C ASP B 55 -31.43 -34.55 -0.21
N ILE B 56 -30.83 -33.88 -1.19
CA ILE B 56 -29.90 -32.79 -0.94
C ILE B 56 -30.50 -31.49 -1.44
N THR B 57 -30.44 -30.45 -0.62
CA THR B 57 -30.95 -29.13 -0.98
C THR B 57 -29.95 -28.07 -0.53
N LEU B 58 -29.37 -27.36 -1.48
CA LEU B 58 -28.42 -26.29 -1.20
C LEU B 58 -28.93 -24.97 -1.80
N LYS B 59 -28.27 -23.88 -1.42
CA LYS B 59 -28.57 -22.56 -1.94
C LYS B 59 -27.32 -21.96 -2.54
N VAL B 60 -27.42 -21.50 -3.79
CA VAL B 60 -26.32 -20.90 -4.51
C VAL B 60 -26.74 -19.52 -4.97
N ALA B 61 -25.79 -18.79 -5.55
CA ALA B 61 -26.07 -17.45 -6.07
C ALA B 61 -25.08 -17.11 -7.17
N GLY B 62 -25.47 -16.15 -8.00
CA GLY B 62 -24.63 -15.75 -9.11
C GLY B 62 -25.40 -14.84 -10.05
N ARG B 63 -24.77 -14.56 -11.19
CA ARG B 63 -25.33 -13.68 -12.20
C ARG B 63 -25.81 -14.51 -13.40
N ILE B 64 -27.00 -14.20 -13.88
CA ILE B 64 -27.54 -14.87 -15.06
C ILE B 64 -26.85 -14.35 -16.30
N HIS B 65 -26.16 -15.24 -17.02
CA HIS B 65 -25.53 -14.87 -18.28
C HIS B 65 -26.39 -15.23 -19.48
N ALA B 66 -27.37 -16.10 -19.32
CA ALA B 66 -28.26 -16.47 -20.41
C ALA B 66 -29.53 -17.08 -19.82
N LYS B 67 -30.63 -16.91 -20.56
CA LYS B 67 -31.93 -17.44 -20.17
C LYS B 67 -32.59 -17.96 -21.44
N ARG B 68 -32.57 -19.28 -21.62
CA ARG B 68 -33.14 -19.91 -22.81
C ARG B 68 -34.26 -20.85 -22.36
N ALA B 69 -35.49 -20.50 -22.72
CA ALA B 69 -36.64 -21.33 -22.42
C ALA B 69 -36.79 -22.42 -23.47
N SER B 70 -37.42 -23.52 -23.09
CA SER B 70 -37.69 -24.62 -24.01
C SER B 70 -39.18 -24.86 -24.18
N GLY B 71 -39.91 -25.09 -23.09
CA GLY B 71 -41.35 -25.18 -23.18
C GLY B 71 -41.99 -24.15 -22.28
N GLY B 72 -43.24 -24.37 -21.89
CA GLY B 72 -43.89 -23.48 -20.95
C GLY B 72 -43.54 -23.77 -19.51
N LYS B 73 -43.14 -25.01 -19.22
CA LYS B 73 -42.81 -25.47 -17.88
C LYS B 73 -41.31 -25.58 -17.62
N LEU B 74 -40.45 -25.25 -18.58
CA LEU B 74 -39.01 -25.43 -18.39
C LEU B 74 -38.21 -24.29 -18.98
N ILE B 75 -37.32 -23.71 -18.17
CA ILE B 75 -36.42 -22.63 -18.57
C ILE B 75 -35.02 -22.97 -18.07
N PHE B 76 -34.00 -22.65 -18.87
CA PHE B 76 -32.61 -22.85 -18.52
C PHE B 76 -31.93 -21.51 -18.26
N TYR B 77 -31.23 -21.41 -17.14
CA TYR B 77 -30.50 -20.20 -16.75
C TYR B 77 -29.01 -20.50 -16.70
N ASP B 78 -28.21 -19.64 -17.32
CA ASP B 78 -26.75 -19.74 -17.29
C ASP B 78 -26.26 -18.95 -16.09
N LEU B 79 -26.04 -19.65 -14.97
CA LEU B 79 -25.60 -19.00 -13.74
C LEU B 79 -24.08 -19.01 -13.66
N ARG B 80 -23.49 -17.84 -13.45
CA ARG B 80 -22.05 -17.66 -13.44
C ARG B 80 -21.61 -16.90 -12.21
N GLY B 81 -20.35 -17.13 -11.83
CA GLY B 81 -19.74 -16.48 -10.69
C GLY B 81 -18.40 -17.15 -10.40
N GLU B 82 -17.50 -16.44 -9.71
CA GLU B 82 -16.22 -17.01 -9.29
C GLU B 82 -15.39 -17.52 -10.47
N GLY B 83 -15.61 -16.95 -11.65
CA GLY B 83 -14.98 -17.48 -12.84
C GLY B 83 -15.48 -18.84 -13.26
N VAL B 84 -16.65 -19.26 -12.76
CA VAL B 84 -17.16 -20.60 -13.00
C VAL B 84 -18.62 -20.50 -13.41
N LYS B 85 -19.14 -21.60 -13.95
CA LYS B 85 -20.48 -21.63 -14.53
C LYS B 85 -21.26 -22.84 -14.01
N LEU B 86 -22.56 -22.65 -13.81
CA LEU B 86 -23.45 -23.72 -13.40
C LEU B 86 -24.81 -23.48 -14.04
N GLN B 87 -25.43 -24.55 -14.52
CA GLN B 87 -26.71 -24.46 -15.21
C GLN B 87 -27.86 -24.64 -14.24
N VAL B 88 -28.89 -23.81 -14.38
CA VAL B 88 -30.09 -23.88 -13.55
C VAL B 88 -31.21 -24.42 -14.44
N MET B 89 -31.64 -25.66 -14.19
CA MET B 89 -32.72 -26.29 -14.96
C MET B 89 -34.02 -26.09 -14.18
N ALA B 90 -34.70 -24.98 -14.44
CA ALA B 90 -35.90 -24.61 -13.71
C ALA B 90 -37.12 -25.32 -14.31
N ASN B 91 -37.61 -26.34 -13.63
CA ASN B 91 -38.78 -27.10 -14.07
C ASN B 91 -39.98 -26.74 -13.21
N SER B 92 -41.16 -26.69 -13.84
CA SER B 92 -42.36 -26.27 -13.13
C SER B 92 -42.77 -27.29 -12.07
N ARG B 93 -42.66 -28.58 -12.36
CA ARG B 93 -43.09 -29.60 -11.42
C ARG B 93 -42.18 -29.69 -10.20
N ASN B 94 -40.96 -29.19 -10.30
CA ASN B 94 -40.03 -29.19 -9.17
C ASN B 94 -40.03 -27.90 -8.38
N TYR B 95 -40.64 -26.84 -8.91
CA TYR B 95 -40.66 -25.54 -8.23
C TYR B 95 -41.68 -25.55 -7.10
N LYS B 96 -41.54 -24.55 -6.22
CA LYS B 96 -42.42 -24.42 -5.06
C LYS B 96 -43.90 -24.52 -5.45
N SER B 97 -44.29 -23.83 -6.52
CA SER B 97 -45.64 -23.92 -7.02
C SER B 97 -45.66 -23.54 -8.50
N GLU B 98 -46.71 -23.95 -9.19
CA GLU B 98 -46.85 -23.61 -10.61
C GLU B 98 -47.06 -22.12 -10.81
N GLU B 99 -47.83 -21.48 -9.91
CA GLU B 99 -48.10 -20.05 -10.06
C GLU B 99 -46.85 -19.22 -9.82
N GLU B 100 -46.08 -19.57 -8.79
CA GLU B 100 -44.85 -18.83 -8.50
C GLU B 100 -43.77 -19.09 -9.54
N PHE B 101 -43.77 -20.29 -10.15
CA PHE B 101 -42.82 -20.58 -11.20
C PHE B 101 -43.01 -19.64 -12.38
N ILE B 102 -44.25 -19.43 -12.80
CA ILE B 102 -44.54 -18.52 -13.89
C ILE B 102 -44.22 -17.08 -13.48
N HIS B 103 -44.39 -16.76 -12.19
CA HIS B 103 -44.17 -15.39 -11.74
C HIS B 103 -42.69 -15.03 -11.73
N ILE B 104 -41.84 -15.93 -11.24
CA ILE B 104 -40.42 -15.59 -11.10
C ILE B 104 -39.75 -15.54 -12.47
N ASN B 105 -40.14 -16.43 -13.38
CA ASN B 105 -39.50 -16.47 -14.70
C ASN B 105 -39.90 -15.26 -15.53
N ASN B 106 -41.08 -14.70 -15.29
CA ASN B 106 -41.49 -13.48 -15.98
C ASN B 106 -40.69 -12.27 -15.51
N LYS B 107 -40.15 -12.33 -14.30
CA LYS B 107 -39.44 -11.21 -13.69
C LYS B 107 -37.95 -11.23 -13.99
N LEU B 108 -37.37 -12.38 -14.30
CA LEU B 108 -35.94 -12.48 -14.50
C LEU B 108 -35.53 -12.12 -15.93
N ARG B 109 -34.35 -11.52 -16.04
CA ARG B 109 -33.75 -11.17 -17.33
C ARG B 109 -32.27 -11.53 -17.28
N ARG B 110 -31.64 -11.55 -18.44
CA ARG B 110 -30.20 -11.74 -18.50
C ARG B 110 -29.49 -10.64 -17.73
N GLY B 111 -28.52 -11.02 -16.91
CA GLY B 111 -27.75 -10.08 -16.12
C GLY B 111 -28.15 -10.00 -14.66
N ASP B 112 -29.29 -10.57 -14.28
CA ASP B 112 -29.76 -10.47 -12.90
C ASP B 112 -28.92 -11.32 -11.95
N ILE B 113 -28.78 -10.81 -10.72
CA ILE B 113 -28.23 -11.59 -9.62
C ILE B 113 -29.38 -12.31 -8.93
N ILE B 114 -29.27 -13.64 -8.83
CA ILE B 114 -30.34 -14.45 -8.25
C ILE B 114 -29.75 -15.42 -7.24
N GLY B 115 -30.61 -15.85 -6.32
CA GLY B 115 -30.28 -16.93 -5.41
C GLY B 115 -31.20 -18.11 -5.68
N VAL B 116 -30.62 -19.31 -5.69
CA VAL B 116 -31.33 -20.51 -6.12
C VAL B 116 -31.26 -21.53 -4.99
N GLN B 117 -32.43 -22.00 -4.54
CA GLN B 117 -32.53 -23.11 -3.60
C GLN B 117 -33.06 -24.33 -4.34
N GLY B 118 -32.29 -25.40 -4.35
CA GLY B 118 -32.72 -26.59 -5.06
C GLY B 118 -31.79 -27.77 -4.83
N ASN B 119 -31.97 -28.81 -5.66
CA ASN B 119 -31.29 -30.10 -5.60
C ASN B 119 -30.25 -30.25 -6.71
N PRO B 120 -29.12 -30.90 -6.44
CA PRO B 120 -28.17 -31.19 -7.51
C PRO B 120 -28.75 -32.19 -8.50
N GLY B 121 -28.32 -32.07 -9.75
CA GLY B 121 -28.80 -32.96 -10.79
C GLY B 121 -27.95 -32.86 -12.03
N LYS B 122 -28.27 -33.71 -13.01
CA LYS B 122 -27.59 -33.68 -14.29
C LYS B 122 -28.60 -33.94 -15.39
N THR B 123 -28.70 -33.00 -16.33
CA THR B 123 -29.53 -33.14 -17.52
C THR B 123 -29.13 -34.37 -18.34
N LYS B 124 -30.06 -34.80 -19.21
CA LYS B 124 -29.78 -35.89 -20.15
C LYS B 124 -28.63 -35.58 -21.10
N LYS B 125 -28.44 -34.30 -21.45
CA LYS B 125 -27.33 -33.94 -22.32
C LYS B 125 -25.99 -34.02 -21.62
N GLY B 126 -25.97 -34.05 -20.29
CA GLY B 126 -24.73 -34.18 -19.55
C GLY B 126 -24.17 -32.95 -18.88
N GLU B 127 -25.04 -31.99 -18.57
CA GLU B 127 -24.68 -30.75 -17.89
C GLU B 127 -25.00 -30.87 -16.41
N LEU B 128 -23.99 -30.66 -15.55
CA LEU B 128 -24.27 -30.57 -14.13
C LEU B 128 -25.19 -29.38 -13.89
N SER B 129 -26.23 -29.59 -13.08
CA SER B 129 -27.30 -28.61 -12.98
C SER B 129 -27.81 -28.53 -11.55
N ILE B 130 -28.55 -27.46 -11.28
CA ILE B 130 -29.26 -27.28 -10.03
C ILE B 130 -30.76 -27.19 -10.35
N ILE B 131 -31.55 -28.02 -9.70
CA ILE B 131 -32.99 -28.11 -9.94
C ILE B 131 -33.70 -27.26 -8.87
N PRO B 132 -34.24 -26.09 -9.23
CA PRO B 132 -34.68 -25.15 -8.19
C PRO B 132 -36.03 -25.52 -7.58
N TYR B 133 -36.09 -25.36 -6.26
CA TYR B 133 -37.37 -25.28 -5.56
C TYR B 133 -37.85 -23.85 -5.44
N GLU B 134 -36.92 -22.89 -5.36
CA GLU B 134 -37.28 -21.47 -5.25
C GLU B 134 -36.12 -20.63 -5.75
N ILE B 135 -36.42 -19.68 -6.62
CA ILE B 135 -35.45 -18.70 -7.11
C ILE B 135 -35.83 -17.33 -6.56
N THR B 136 -34.83 -16.59 -6.08
CA THR B 136 -35.04 -15.27 -5.50
C THR B 136 -34.18 -14.25 -6.24
N LEU B 137 -34.81 -13.19 -6.73
CA LEU B 137 -34.07 -12.11 -7.36
C LEU B 137 -33.36 -11.29 -6.30
N LEU B 138 -32.04 -11.17 -6.40
CA LEU B 138 -31.23 -10.47 -5.42
C LEU B 138 -30.87 -9.06 -5.85
N SER B 139 -30.55 -8.86 -7.12
CA SER B 139 -30.24 -7.54 -7.65
C SER B 139 -30.48 -7.54 -9.16
N PRO B 140 -31.45 -6.77 -9.66
CA PRO B 140 -31.72 -6.78 -11.09
C PRO B 140 -30.72 -5.95 -11.88
N CYS B 141 -30.48 -6.40 -13.10
CA CYS B 141 -29.66 -5.67 -14.06
C CYS B 141 -30.57 -4.86 -14.97
N LEU B 142 -30.42 -3.54 -14.93
CA LEU B 142 -31.30 -2.64 -15.66
C LEU B 142 -30.82 -2.32 -17.07
N HIS B 143 -29.63 -2.81 -17.46
CA HIS B 143 -29.06 -2.50 -18.76
C HIS B 143 -28.92 -3.76 -19.60
N MET B 144 -28.86 -3.53 -20.92
CA MET B 144 -28.48 -4.58 -21.86
C MET B 144 -26.97 -4.77 -21.84
N LEU B 145 -26.53 -5.98 -21.62
CA LEU B 145 -25.10 -6.26 -21.68
C LEU B 145 -24.71 -6.69 -23.09
N PRO B 146 -23.43 -6.55 -23.45
CA PRO B 146 -23.00 -6.90 -24.81
C PRO B 146 -23.48 -8.28 -25.24
N HIS B 147 -23.93 -8.36 -26.50
CA HIS B 147 -24.53 -9.57 -27.03
C HIS B 147 -23.53 -10.74 -27.01
N LEU B 148 -24.08 -11.95 -27.15
CA LEU B 148 -23.28 -13.16 -26.91
C LEU B 148 -22.33 -13.45 -28.07
N HIS B 149 -22.67 -13.03 -29.29
CA HIS B 149 -21.85 -13.37 -30.44
C HIS B 149 -20.45 -12.78 -30.33
N PHE B 150 -20.37 -11.46 -30.10
CA PHE B 150 -19.11 -10.78 -29.92
C PHE B 150 -19.25 -9.85 -28.72
N GLY B 151 -18.37 -10.03 -27.72
CA GLY B 151 -18.55 -9.29 -26.48
C GLY B 151 -17.34 -8.56 -25.94
N LEU B 152 -17.44 -7.22 -25.91
CA LEU B 152 -16.48 -6.33 -25.25
C LEU B 152 -15.05 -6.53 -25.75
N LYS B 153 -14.82 -6.05 -26.97
CA LYS B 153 -13.49 -6.05 -27.56
C LYS B 153 -12.88 -4.66 -27.68
N ASP B 154 -13.69 -3.62 -27.54
CA ASP B 154 -13.20 -2.27 -27.79
C ASP B 154 -12.32 -1.96 -26.57
N LYS B 155 -11.18 -1.30 -26.78
CA LYS B 155 -10.30 -1.06 -25.62
C LYS B 155 -10.89 -0.06 -24.66
N GLU B 156 -11.60 0.95 -25.18
CA GLU B 156 -12.05 2.08 -24.36
C GLU B 156 -13.11 1.66 -23.34
N THR B 157 -14.10 0.86 -23.75
CA THR B 157 -15.14 0.46 -22.80
C THR B 157 -14.59 -0.51 -21.77
N ARG B 158 -13.67 -1.40 -22.16
CA ARG B 158 -13.10 -2.33 -21.21
C ARG B 158 -12.35 -1.61 -20.10
N TYR B 159 -11.72 -0.47 -20.42
CA TYR B 159 -10.94 0.26 -19.44
C TYR B 159 -11.76 1.30 -18.67
N ARG B 160 -12.88 1.78 -19.21
CA ARG B 160 -13.70 2.73 -18.45
C ARG B 160 -14.83 2.05 -17.69
N GLN B 161 -15.27 0.86 -18.12
CA GLN B 161 -16.19 0.03 -17.34
C GLN B 161 -15.52 -1.32 -17.14
N ARG B 162 -14.64 -1.38 -16.13
CA ARG B 162 -13.90 -2.62 -15.87
C ARG B 162 -14.81 -3.71 -15.33
N TYR B 163 -15.91 -3.32 -14.67
CA TYR B 163 -16.85 -4.33 -14.18
C TYR B 163 -17.51 -5.08 -15.33
N LEU B 164 -17.75 -4.40 -16.45
CA LEU B 164 -18.23 -5.10 -17.63
C LEU B 164 -17.15 -6.04 -18.18
N ASP B 165 -15.90 -5.59 -18.16
CA ASP B 165 -14.80 -6.44 -18.60
C ASP B 165 -14.68 -7.70 -17.74
N LEU B 166 -14.84 -7.55 -16.43
CA LEU B 166 -14.69 -8.69 -15.54
C LEU B 166 -15.86 -9.65 -15.62
N ILE B 167 -17.06 -9.15 -15.91
CA ILE B 167 -18.23 -10.00 -16.02
C ILE B 167 -18.13 -10.90 -17.26
N LEU B 168 -17.65 -10.35 -18.38
CA LEU B 168 -17.74 -11.03 -19.66
C LEU B 168 -16.46 -11.73 -20.09
N ASN B 169 -15.29 -11.22 -19.69
CA ASN B 169 -14.01 -11.78 -20.12
C ASN B 169 -13.30 -12.33 -18.89
N ASP B 170 -13.11 -13.65 -18.87
CA ASP B 170 -12.47 -14.32 -17.75
C ASP B 170 -10.96 -14.33 -17.85
N PHE B 171 -10.40 -13.88 -18.98
CA PHE B 171 -8.96 -13.67 -19.04
C PHE B 171 -8.54 -12.43 -18.26
N VAL B 172 -9.47 -11.49 -18.04
CA VAL B 172 -9.14 -10.28 -17.31
C VAL B 172 -8.94 -10.58 -15.82
N ARG B 173 -9.85 -11.37 -15.24
CA ARG B 173 -9.73 -11.67 -13.81
C ARG B 173 -8.50 -12.52 -13.52
N GLN B 174 -8.03 -13.32 -14.49
CA GLN B 174 -6.82 -14.10 -14.25
C GLN B 174 -5.58 -13.20 -14.18
N LYS B 175 -5.55 -12.13 -14.97
CA LYS B 175 -4.41 -11.21 -14.92
C LYS B 175 -4.28 -10.56 -13.55
N PHE B 176 -5.41 -10.12 -12.98
CA PHE B 176 -5.35 -9.43 -11.69
C PHE B 176 -5.15 -10.38 -10.53
N ILE B 177 -5.44 -11.67 -10.72
CA ILE B 177 -5.01 -12.66 -9.74
C ILE B 177 -3.50 -12.85 -9.81
N ILE B 178 -2.93 -12.85 -11.02
CA ILE B 178 -1.49 -12.96 -11.18
C ILE B 178 -0.80 -11.75 -10.55
N ARG B 179 -1.32 -10.55 -10.81
CA ARG B 179 -0.73 -9.34 -10.27
C ARG B 179 -0.73 -9.36 -8.75
N SER B 180 -1.82 -9.84 -8.15
CA SER B 180 -1.89 -9.95 -6.70
C SER B 180 -1.02 -11.08 -6.16
N LYS B 181 -0.76 -12.10 -6.99
CA LYS B 181 0.18 -13.15 -6.59
C LYS B 181 1.62 -12.66 -6.66
N ILE B 182 1.92 -11.73 -7.56
CA ILE B 182 3.27 -11.16 -7.64
C ILE B 182 3.61 -10.42 -6.36
N ILE B 183 2.71 -9.56 -5.90
CA ILE B 183 2.97 -8.74 -4.73
C ILE B 183 3.12 -9.62 -3.49
N THR B 184 2.23 -10.62 -3.35
CA THR B 184 2.32 -11.53 -2.21
C THR B 184 3.64 -12.30 -2.22
N TYR B 185 4.17 -12.63 -3.40
CA TYR B 185 5.46 -13.30 -3.47
C TYR B 185 6.58 -12.39 -2.97
N ILE B 186 6.55 -11.11 -3.36
CA ILE B 186 7.59 -10.18 -2.93
C ILE B 186 7.64 -10.08 -1.43
N ARG B 187 6.48 -9.88 -0.79
CA ARG B 187 6.44 -9.75 0.67
C ARG B 187 7.00 -10.99 1.34
N SER B 188 6.59 -12.18 0.88
CA SER B 188 7.11 -13.42 1.45
C SER B 188 8.63 -13.51 1.29
N PHE B 189 9.13 -13.12 0.13
CA PHE B 189 10.57 -13.17 -0.13
C PHE B 189 11.33 -12.27 0.83
N LEU B 190 10.90 -11.02 0.97
CA LEU B 190 11.63 -10.06 1.79
C LEU B 190 11.37 -10.26 3.28
N ASP B 191 10.15 -10.63 3.66
CA ASP B 191 9.87 -10.94 5.06
C ASP B 191 10.77 -12.07 5.56
N GLU B 192 10.97 -13.10 4.73
CA GLU B 192 11.87 -14.18 5.11
C GLU B 192 13.29 -13.68 5.34
N LEU B 193 13.71 -12.66 4.60
CA LEU B 193 15.06 -12.13 4.71
C LEU B 193 15.22 -11.14 5.84
N GLY B 194 14.19 -10.93 6.66
CA GLY B 194 14.29 -10.03 7.79
C GLY B 194 13.96 -8.58 7.53
N PHE B 195 13.40 -8.27 6.36
CA PHE B 195 13.02 -6.89 6.05
C PHE B 195 11.76 -6.51 6.80
N LEU B 196 11.70 -5.26 7.24
CA LEU B 196 10.55 -4.72 7.95
C LEU B 196 9.71 -3.91 6.97
N GLU B 197 8.44 -4.27 6.82
CA GLU B 197 7.54 -3.52 5.95
C GLU B 197 7.13 -2.23 6.65
N ILE B 198 7.40 -1.09 6.01
CA ILE B 198 7.19 0.21 6.62
C ILE B 198 6.36 1.08 5.69
N GLU B 199 5.80 2.15 6.24
CA GLU B 199 5.05 3.15 5.50
C GLU B 199 5.65 4.53 5.75
N THR B 200 5.88 5.28 4.68
CA THR B 200 6.48 6.59 4.72
C THR B 200 5.58 7.58 4.00
N PRO B 201 5.72 8.88 4.27
CA PRO B 201 4.74 9.86 3.76
C PRO B 201 4.64 9.87 2.24
N MET B 202 3.40 9.94 1.76
CA MET B 202 3.12 10.16 0.34
C MET B 202 2.92 11.63 0.01
N MET B 203 2.79 12.48 1.01
CA MET B 203 2.77 13.94 0.84
C MET B 203 4.04 14.51 1.45
N ASN B 204 4.78 15.30 0.67
CA ASN B 204 6.09 15.76 1.05
C ASN B 204 6.15 17.28 0.96
N ILE B 205 6.86 17.90 1.90
CA ILE B 205 7.15 19.32 1.78
C ILE B 205 7.99 19.56 0.54
N ILE B 206 8.92 18.66 0.26
CA ILE B 206 9.73 18.72 -0.95
C ILE B 206 9.92 17.29 -1.46
N PRO B 207 9.54 17.00 -2.70
CA PRO B 207 9.67 15.63 -3.21
C PRO B 207 11.10 15.31 -3.63
N GLY B 208 11.42 14.03 -3.55
CA GLY B 208 12.77 13.59 -3.87
C GLY B 208 12.81 12.09 -4.04
N GLY B 209 13.99 11.60 -4.39
CA GLY B 209 14.23 10.19 -4.57
C GLY B 209 14.20 9.70 -6.01
N ALA B 210 13.95 10.60 -6.97
CA ALA B 210 13.92 10.24 -8.38
C ALA B 210 13.94 11.53 -9.18
N VAL B 211 14.19 11.40 -10.49
CA VAL B 211 14.10 12.51 -11.41
C VAL B 211 12.76 12.39 -12.14
N ALA B 212 11.84 13.30 -11.79
CA ALA B 212 10.48 13.20 -12.29
C ALA B 212 9.73 14.48 -11.92
N LYS B 213 8.70 14.79 -12.70
CA LYS B 213 7.90 15.97 -12.38
C LYS B 213 6.80 15.59 -11.40
N PRO B 214 6.66 16.30 -10.28
CA PRO B 214 5.71 15.90 -9.25
C PRO B 214 4.34 16.56 -9.43
N PHE B 215 3.37 15.97 -8.73
CA PHE B 215 2.07 16.62 -8.55
C PHE B 215 2.14 17.54 -7.35
N ILE B 216 1.49 18.69 -7.47
CA ILE B 216 1.46 19.68 -6.39
C ILE B 216 0.03 19.79 -5.89
N THR B 217 -0.11 20.03 -4.59
CA THR B 217 -1.41 20.21 -3.97
C THR B 217 -1.26 21.23 -2.85
N TYR B 218 -2.36 21.47 -2.14
CA TYR B 218 -2.40 22.55 -1.16
C TYR B 218 -3.18 22.09 0.06
N HIS B 219 -2.60 22.31 1.24
CA HIS B 219 -3.24 21.97 2.50
C HIS B 219 -3.82 23.24 3.11
N ASN B 220 -5.14 23.25 3.30
CA ASN B 220 -5.83 24.46 3.75
C ASN B 220 -5.45 24.82 5.18
N GLU B 221 -5.53 23.85 6.10
CA GLU B 221 -5.32 24.13 7.51
C GLU B 221 -3.91 24.66 7.76
N LEU B 222 -2.91 24.03 7.16
CA LEU B 222 -1.54 24.47 7.36
C LEU B 222 -1.12 25.60 6.43
N ASP B 223 -1.97 26.01 5.49
CA ASP B 223 -1.65 27.06 4.52
C ASP B 223 -0.31 26.74 3.86
N MET B 224 -0.31 25.63 3.12
CA MET B 224 0.94 24.97 2.77
C MET B 224 0.83 24.27 1.43
N ASN B 225 1.86 24.43 0.61
CA ASN B 225 1.98 23.66 -0.63
C ASN B 225 2.64 22.32 -0.34
N LEU B 226 2.03 21.24 -0.82
CA LEU B 226 2.57 19.90 -0.66
C LEU B 226 2.72 19.24 -2.02
N TYR B 227 3.59 18.25 -2.08
CA TYR B 227 3.81 17.46 -3.28
C TYR B 227 3.51 16.00 -2.97
N MET B 228 2.89 15.32 -3.92
CA MET B 228 2.75 13.88 -3.83
C MET B 228 4.10 13.24 -4.16
N ARG B 229 4.44 12.18 -3.43
CA ARG B 229 5.78 11.64 -3.51
C ARG B 229 6.06 11.05 -4.89
N ILE B 230 7.28 11.28 -5.38
CA ILE B 230 7.72 10.62 -6.60
C ILE B 230 8.47 9.33 -6.29
N ALA B 231 8.95 9.16 -5.06
CA ALA B 231 9.66 7.97 -4.59
C ALA B 231 9.80 8.04 -3.08
N PRO B 232 9.85 6.90 -2.39
CA PRO B 232 10.09 6.90 -0.94
C PRO B 232 11.55 6.81 -0.52
N GLU B 233 12.47 6.96 -1.48
CA GLU B 233 13.87 6.61 -1.27
C GLU B 233 14.48 7.33 -0.07
N LEU B 234 14.29 8.64 0.01
CA LEU B 234 14.96 9.42 1.06
C LEU B 234 14.47 9.03 2.44
N TYR B 235 13.17 8.78 2.60
CA TYR B 235 12.65 8.36 3.90
C TYR B 235 13.23 7.02 4.33
N HIS B 236 13.38 6.10 3.37
CA HIS B 236 13.93 4.79 3.69
C HIS B 236 15.36 4.88 4.20
N LYS B 237 16.18 5.70 3.54
CA LYS B 237 17.56 5.87 3.99
C LYS B 237 17.62 6.50 5.37
N MET B 238 16.67 7.39 5.69
CA MET B 238 16.60 7.94 7.04
C MET B 238 16.27 6.86 8.06
N LEU B 239 15.54 5.82 7.65
CA LEU B 239 15.25 4.71 8.55
C LEU B 239 16.48 3.85 8.80
N VAL B 240 17.36 3.71 7.81
CA VAL B 240 18.61 2.98 8.02
C VAL B 240 19.52 3.75 8.96
N VAL B 241 19.53 5.08 8.86
CA VAL B 241 20.23 5.90 9.84
C VAL B 241 19.69 5.63 11.23
N GLY B 242 18.38 5.46 11.34
CA GLY B 242 17.72 5.15 12.60
C GLY B 242 17.96 3.75 13.13
N GLY B 243 18.66 2.89 12.40
CA GLY B 243 19.02 1.59 12.90
C GLY B 243 18.14 0.44 12.46
N ILE B 244 17.18 0.68 11.58
CA ILE B 244 16.39 -0.38 10.97
C ILE B 244 17.13 -0.76 9.69
N ASP B 245 17.94 -1.83 9.77
CA ASP B 245 18.92 -2.10 8.73
C ASP B 245 18.29 -2.65 7.44
N ARG B 246 17.08 -3.22 7.52
CA ARG B 246 16.42 -3.77 6.34
C ARG B 246 14.95 -3.35 6.36
N VAL B 247 14.60 -2.44 5.44
CA VAL B 247 13.23 -1.96 5.32
C VAL B 247 12.78 -2.17 3.87
N TYR B 248 11.46 -2.20 3.69
CA TYR B 248 10.89 -2.21 2.36
C TYR B 248 9.47 -1.67 2.41
N GLU B 249 8.97 -1.29 1.25
CA GLU B 249 7.63 -0.70 1.14
C GLU B 249 7.12 -0.92 -0.27
N ILE B 250 5.94 -1.52 -0.39
CA ILE B 250 5.22 -1.63 -1.65
C ILE B 250 4.12 -0.59 -1.63
N GLY B 251 4.26 0.46 -2.43
CA GLY B 251 3.33 1.58 -2.35
C GLY B 251 3.27 2.35 -3.64
N ARG B 252 2.30 3.25 -3.69
CA ARG B 252 2.03 4.02 -4.90
C ARG B 252 3.00 5.19 -5.02
N GLN B 253 3.40 5.48 -6.25
CA GLN B 253 4.18 6.67 -6.59
C GLN B 253 3.39 7.50 -7.59
N PHE B 254 3.63 8.81 -7.59
CA PHE B 254 2.87 9.73 -8.42
C PHE B 254 3.84 10.59 -9.21
N ARG B 255 3.67 10.61 -10.52
CA ARG B 255 4.57 11.35 -11.40
C ARG B 255 3.76 12.08 -12.46
N ASN B 256 3.89 13.41 -12.48
CA ASN B 256 3.16 14.27 -13.42
C ASN B 256 3.84 14.18 -14.79
N GLU B 257 3.59 13.07 -15.48
CA GLU B 257 4.20 12.82 -16.78
C GLU B 257 3.16 12.17 -17.69
N GLY B 258 3.58 11.88 -18.92
CA GLY B 258 2.65 11.46 -19.94
C GLY B 258 2.35 9.97 -19.92
N ILE B 259 1.17 9.62 -20.40
CA ILE B 259 0.70 8.24 -20.47
C ILE B 259 1.21 7.60 -21.76
N ASP B 260 1.71 6.38 -21.64
CA ASP B 260 2.00 5.55 -22.81
C ASP B 260 1.82 4.09 -22.40
N LEU B 261 2.37 3.17 -23.18
CA LEU B 261 2.13 1.75 -22.95
C LEU B 261 2.84 1.23 -21.71
N THR B 262 3.75 2.02 -21.11
CA THR B 262 4.45 1.57 -19.91
C THR B 262 4.49 2.65 -18.83
N HIS B 263 3.61 3.65 -18.90
CA HIS B 263 3.62 4.75 -17.93
C HIS B 263 2.19 5.10 -17.56
N ASN B 264 1.90 5.06 -16.26
CA ASN B 264 0.67 5.55 -15.66
C ASN B 264 1.01 6.60 -14.62
N PRO B 265 0.23 7.68 -14.52
CA PRO B 265 0.60 8.77 -13.58
C PRO B 265 0.71 8.30 -12.14
N GLU B 266 -0.02 7.25 -11.76
CA GLU B 266 0.18 6.59 -10.48
C GLU B 266 0.48 5.12 -10.73
N PHE B 267 1.51 4.61 -10.06
CA PHE B 267 1.96 3.24 -10.26
C PHE B 267 2.53 2.72 -8.95
N THR B 268 2.72 1.41 -8.91
CA THR B 268 3.14 0.70 -7.70
C THR B 268 4.58 0.22 -7.86
N THR B 269 5.41 0.51 -6.86
CA THR B 269 6.78 0.02 -6.83
C THR B 269 7.05 -0.68 -5.52
N CYS B 270 8.09 -1.52 -5.52
CA CYS B 270 8.68 -2.06 -4.31
C CYS B 270 10.08 -1.50 -4.19
N GLU B 271 10.37 -0.87 -3.06
CA GLU B 271 11.70 -0.38 -2.75
C GLU B 271 12.17 -1.03 -1.46
N PHE B 272 13.40 -1.54 -1.45
CA PHE B 272 13.99 -2.03 -0.20
C PHE B 272 15.41 -1.54 -0.07
N TYR B 273 15.87 -1.44 1.18
CA TYR B 273 17.21 -0.96 1.51
C TYR B 273 17.84 -1.87 2.53
N MET B 274 19.10 -2.22 2.30
CA MET B 274 19.81 -3.22 3.08
C MET B 274 21.15 -2.64 3.52
N ALA B 275 21.35 -2.53 4.83
CA ALA B 275 22.61 -2.04 5.35
C ALA B 275 23.73 -3.05 5.10
N TYR B 276 24.93 -2.53 4.82
CA TYR B 276 26.16 -3.30 4.64
C TYR B 276 26.17 -4.12 3.35
N ALA B 277 25.30 -3.80 2.40
CA ALA B 277 25.31 -4.41 1.09
C ALA B 277 25.63 -3.36 0.04
N ASP B 278 26.16 -3.82 -1.09
CA ASP B 278 26.42 -2.97 -2.25
C ASP B 278 25.60 -3.48 -3.44
N TYR B 279 25.72 -2.76 -4.56
CA TYR B 279 24.91 -3.09 -5.73
C TYR B 279 25.27 -4.45 -6.32
N HIS B 280 26.44 -4.99 -6.01
CA HIS B 280 26.74 -6.36 -6.42
C HIS B 280 25.90 -7.37 -5.65
N ASP B 281 25.71 -7.13 -4.35
CA ASP B 281 24.82 -8.00 -3.57
C ASP B 281 23.40 -7.97 -4.13
N HIS B 282 22.95 -6.81 -4.59
CA HIS B 282 21.58 -6.69 -5.08
C HIS B 282 21.42 -7.28 -6.47
N MET B 283 22.51 -7.47 -7.22
CA MET B 283 22.41 -8.20 -8.48
C MET B 283 22.07 -9.66 -8.24
N GLU B 284 22.63 -10.26 -7.18
CA GLU B 284 22.33 -11.66 -6.88
C GLU B 284 20.93 -11.81 -6.32
N ILE B 285 20.49 -10.86 -5.47
CA ILE B 285 19.14 -10.92 -4.92
C ILE B 285 18.11 -10.72 -6.03
N THR B 286 18.37 -9.78 -6.94
CA THR B 286 17.46 -9.55 -8.05
C THR B 286 17.29 -10.80 -8.89
N GLU B 287 18.41 -11.46 -9.23
CA GLU B 287 18.35 -12.70 -9.99
C GLU B 287 17.52 -13.75 -9.25
N LYS B 288 17.78 -13.93 -7.96
CA LYS B 288 17.06 -14.96 -7.21
C LYS B 288 15.58 -14.65 -7.11
N MET B 289 15.23 -13.38 -6.89
CA MET B 289 13.83 -13.02 -6.69
C MET B 289 13.05 -13.07 -8.00
N VAL B 290 13.57 -12.41 -9.05
CA VAL B 290 12.85 -12.38 -10.33
C VAL B 290 12.69 -13.79 -10.88
N SER B 291 13.76 -14.59 -10.85
CA SER B 291 13.69 -15.95 -11.38
CA SER B 291 13.69 -15.95 -11.38
C SER B 291 12.74 -16.82 -10.55
N GLY B 292 12.83 -16.70 -9.23
CA GLY B 292 11.93 -17.46 -8.38
C GLY B 292 10.49 -17.06 -8.58
N MET B 293 10.25 -15.76 -8.77
CA MET B 293 8.88 -15.27 -8.95
C MET B 293 8.29 -15.73 -10.30
N VAL B 294 9.05 -15.58 -11.40
CA VAL B 294 8.52 -16.02 -12.70
C VAL B 294 8.13 -17.49 -12.64
N LYS B 295 9.02 -18.33 -12.10
CA LYS B 295 8.77 -19.76 -12.05
C LYS B 295 7.60 -20.08 -11.12
N HIS B 296 7.48 -19.36 -10.01
CA HIS B 296 6.42 -19.67 -9.06
C HIS B 296 5.06 -19.24 -9.59
N ILE B 297 5.01 -18.21 -10.43
CA ILE B 297 3.75 -17.71 -10.96
C ILE B 297 3.34 -18.46 -12.21
N THR B 298 4.23 -18.48 -13.22
CA THR B 298 3.88 -19.10 -14.50
C THR B 298 3.92 -20.63 -14.42
N GLY B 299 5.02 -21.20 -13.93
CA GLY B 299 5.24 -22.62 -14.03
C GLY B 299 6.48 -22.99 -14.81
N SER B 300 7.21 -22.03 -15.38
CA SER B 300 8.47 -22.31 -16.05
C SER B 300 9.39 -21.12 -15.81
N TYR B 301 10.66 -21.29 -16.17
CA TYR B 301 11.61 -20.17 -16.17
C TYR B 301 11.63 -19.47 -17.52
N LYS B 302 10.80 -19.93 -18.46
CA LYS B 302 10.68 -19.37 -19.78
C LYS B 302 9.29 -18.76 -19.93
N VAL B 303 9.23 -17.60 -20.57
CA VAL B 303 7.99 -16.88 -20.77
C VAL B 303 7.87 -16.54 -22.25
N THR B 304 6.70 -16.86 -22.83
CA THR B 304 6.43 -16.47 -24.21
C THR B 304 6.00 -15.01 -24.23
N TYR B 305 6.57 -14.22 -25.13
CA TYR B 305 6.36 -12.78 -25.13
C TYR B 305 6.06 -12.34 -26.56
N HIS B 306 4.91 -11.68 -26.74
CA HIS B 306 4.41 -11.25 -28.03
C HIS B 306 4.54 -9.73 -28.15
N PRO B 307 5.63 -9.21 -28.72
CA PRO B 307 5.79 -7.76 -28.79
C PRO B 307 4.79 -7.09 -29.71
N ASP B 308 4.31 -7.78 -30.74
CA ASP B 308 3.42 -7.20 -31.74
C ASP B 308 2.01 -7.78 -31.65
N GLY B 309 1.57 -8.14 -30.44
CA GLY B 309 0.24 -8.66 -30.26
C GLY B 309 0.19 -10.14 -30.59
N PRO B 310 -0.99 -10.75 -30.42
CA PRO B 310 -1.10 -12.20 -30.64
C PRO B 310 -0.76 -12.63 -32.06
N GLU B 311 -1.06 -11.79 -33.06
CA GLU B 311 -0.78 -12.10 -34.45
C GLU B 311 0.60 -11.62 -34.89
N GLY B 312 1.50 -11.36 -33.94
CA GLY B 312 2.85 -10.95 -34.23
C GLY B 312 3.85 -12.04 -33.92
N GLN B 313 5.13 -11.64 -33.86
CA GLN B 313 6.19 -12.58 -33.53
C GLN B 313 6.12 -12.98 -32.06
N ALA B 314 6.57 -14.19 -31.77
CA ALA B 314 6.60 -14.73 -30.42
C ALA B 314 8.05 -14.98 -30.02
N TYR B 315 8.45 -14.45 -28.87
CA TYR B 315 9.81 -14.58 -28.38
C TYR B 315 9.82 -15.31 -27.05
N ASP B 316 10.73 -16.26 -26.91
CA ASP B 316 10.91 -16.98 -25.65
C ASP B 316 11.96 -16.26 -24.81
N VAL B 317 11.55 -15.76 -23.65
CA VAL B 317 12.42 -15.03 -22.74
C VAL B 317 12.82 -15.95 -21.60
N ASP B 318 14.13 -16.15 -21.42
CA ASP B 318 14.66 -17.07 -20.43
C ASP B 318 15.09 -16.29 -19.19
N PHE B 319 14.50 -16.64 -18.04
CA PHE B 319 14.83 -16.00 -16.77
C PHE B 319 15.77 -16.83 -15.92
N THR B 320 16.55 -17.73 -16.53
CA THR B 320 17.48 -18.56 -15.79
C THR B 320 18.71 -17.75 -15.39
N PRO B 321 19.00 -17.63 -14.10
CA PRO B 321 20.19 -16.89 -13.68
C PRO B 321 21.46 -17.64 -14.08
N PRO B 322 22.60 -16.93 -14.24
CA PRO B 322 22.75 -15.49 -14.06
C PRO B 322 22.29 -14.68 -15.26
N PHE B 323 21.82 -13.46 -15.01
CA PHE B 323 21.42 -12.56 -16.08
C PHE B 323 22.65 -11.96 -16.74
N ARG B 324 22.49 -11.57 -18.00
CA ARG B 324 23.59 -10.94 -18.73
C ARG B 324 23.82 -9.52 -18.21
N ARG B 325 25.09 -9.14 -18.11
CA ARG B 325 25.48 -7.81 -17.63
C ARG B 325 26.21 -7.06 -18.73
N ILE B 326 25.86 -5.79 -18.92
CA ILE B 326 26.56 -4.92 -19.85
C ILE B 326 26.84 -3.60 -19.14
N ASN B 327 27.98 -3.00 -19.45
CA ASN B 327 28.34 -1.68 -18.93
C ASN B 327 27.81 -0.62 -19.89
N MET B 328 27.13 0.38 -19.33
CA MET B 328 26.36 1.32 -20.16
C MET B 328 27.25 2.04 -21.16
N VAL B 329 28.29 2.73 -20.68
CA VAL B 329 29.08 3.58 -21.56
C VAL B 329 29.92 2.74 -22.51
N GLU B 330 30.44 1.61 -22.01
CA GLU B 330 31.31 0.76 -22.84
C GLU B 330 30.52 0.11 -23.97
N GLU B 331 29.31 -0.39 -23.69
CA GLU B 331 28.50 -1.02 -24.74
C GLU B 331 27.93 0.00 -25.71
N LEU B 332 27.66 1.23 -25.25
CA LEU B 332 27.14 2.25 -26.16
C LEU B 332 28.20 2.68 -27.16
N GLU B 333 29.48 2.70 -26.76
CA GLU B 333 30.54 2.94 -27.72
C GLU B 333 30.51 1.88 -28.82
N LYS B 334 30.25 0.63 -28.45
CA LYS B 334 30.16 -0.45 -29.43
C LYS B 334 28.94 -0.27 -30.34
N ALA B 335 27.78 0.02 -29.74
CA ALA B 335 26.56 0.19 -30.53
C ALA B 335 26.66 1.37 -31.49
N LEU B 336 27.31 2.45 -31.05
CA LEU B 336 27.49 3.61 -31.92
C LEU B 336 28.60 3.41 -32.93
N GLY B 337 29.54 2.51 -32.66
CA GLY B 337 30.70 2.34 -33.53
C GLY B 337 31.71 3.45 -33.43
N MET B 338 31.74 4.16 -32.31
CA MET B 338 32.63 5.29 -32.11
C MET B 338 32.95 5.40 -30.63
N LYS B 339 34.12 5.96 -30.32
CA LYS B 339 34.50 6.19 -28.93
C LYS B 339 33.93 7.51 -28.44
N LEU B 340 33.34 7.47 -27.25
CA LEU B 340 32.85 8.63 -26.51
C LEU B 340 33.96 9.18 -25.63
N PRO B 341 33.86 10.42 -25.17
CA PRO B 341 34.86 10.94 -24.24
C PRO B 341 34.99 10.04 -23.01
N GLU B 342 36.18 10.05 -22.41
CA GLU B 342 36.41 9.23 -21.24
C GLU B 342 35.58 9.75 -20.07
N THR B 343 35.24 8.83 -19.17
CA THR B 343 34.16 9.06 -18.21
C THR B 343 34.43 10.22 -17.25
N ASN B 344 35.67 10.64 -17.07
CA ASN B 344 35.97 11.78 -16.21
C ASN B 344 35.73 13.12 -16.91
N LEU B 345 35.21 13.11 -18.13
CA LEU B 345 34.97 14.33 -18.91
C LEU B 345 33.49 14.61 -19.12
N PHE B 346 32.60 13.84 -18.49
CA PHE B 346 31.17 13.90 -18.80
C PHE B 346 30.51 15.19 -18.29
N GLU B 347 31.20 16.02 -17.52
CA GLU B 347 30.64 17.27 -17.04
C GLU B 347 31.03 18.46 -17.90
N THR B 348 31.87 18.26 -18.92
CA THR B 348 32.30 19.35 -19.76
C THR B 348 31.25 19.68 -20.83
N GLU B 349 31.31 20.92 -21.31
CA GLU B 349 30.40 21.33 -22.38
C GLU B 349 30.83 20.76 -23.72
N GLU B 350 32.14 20.53 -23.90
CA GLU B 350 32.61 19.90 -25.13
C GLU B 350 32.03 18.49 -25.28
N THR B 351 31.89 17.78 -24.15
CA THR B 351 31.29 16.46 -24.19
C THR B 351 29.79 16.53 -24.46
N ARG B 352 29.11 17.53 -23.90
CA ARG B 352 27.68 17.68 -24.14
C ARG B 352 27.38 17.92 -25.62
N LYS B 353 28.23 18.69 -26.30
CA LYS B 353 27.99 18.95 -27.72
C LYS B 353 28.38 17.75 -28.57
N ILE B 354 29.33 16.93 -28.11
CA ILE B 354 29.64 15.68 -28.80
C ILE B 354 28.43 14.77 -28.80
N LEU B 355 27.80 14.61 -27.62
CA LEU B 355 26.62 13.76 -27.55
C LEU B 355 25.43 14.39 -28.27
N ASP B 356 25.35 15.72 -28.28
CA ASP B 356 24.31 16.39 -29.06
C ASP B 356 24.47 16.09 -30.54
N ASP B 357 25.70 16.16 -31.06
CA ASP B 357 25.95 15.86 -32.46
C ASP B 357 25.58 14.43 -32.80
N ILE B 358 25.95 13.48 -31.93
CA ILE B 358 25.64 12.07 -32.19
C ILE B 358 24.14 11.85 -32.28
N CYS B 359 23.37 12.49 -31.39
CA CYS B 359 21.92 12.35 -31.43
C CYS B 359 21.37 12.86 -32.75
N VAL B 360 21.89 13.98 -33.25
CA VAL B 360 21.42 14.52 -34.51
C VAL B 360 21.84 13.63 -35.67
N ALA B 361 23.06 13.10 -35.62
CA ALA B 361 23.55 12.25 -36.71
C ALA B 361 22.78 10.94 -36.79
N LYS B 362 22.44 10.35 -35.65
CA LYS B 362 21.71 9.09 -35.60
C LYS B 362 20.21 9.27 -35.42
N ALA B 363 19.70 10.50 -35.51
CA ALA B 363 18.25 10.79 -35.56
C ALA B 363 17.51 10.38 -34.29
N VAL B 364 18.16 10.36 -33.13
CA VAL B 364 17.51 9.95 -31.89
C VAL B 364 17.11 11.15 -31.08
N GLU B 365 15.89 11.19 -30.65
CA GLU B 365 15.51 12.55 -30.68
C GLU B 365 15.37 13.04 -29.23
N CYS B 366 15.65 14.34 -28.99
CA CYS B 366 15.61 14.77 -27.59
C CYS B 366 15.01 16.13 -27.30
N PRO B 367 13.85 16.16 -26.65
CA PRO B 367 13.22 17.45 -26.32
C PRO B 367 14.05 18.26 -25.35
N PRO B 368 13.89 19.58 -25.35
CA PRO B 368 14.70 20.42 -24.47
C PRO B 368 14.32 20.19 -23.01
N PRO B 369 15.25 20.44 -22.08
CA PRO B 369 16.63 20.84 -22.32
C PRO B 369 17.53 19.69 -22.78
N ARG B 370 18.42 19.96 -23.74
CA ARG B 370 19.30 18.92 -24.28
C ARG B 370 20.56 18.81 -23.42
N THR B 371 20.35 18.30 -22.21
CA THR B 371 21.40 18.05 -21.25
C THR B 371 22.23 16.83 -21.64
N THR B 372 23.46 16.76 -21.11
CA THR B 372 24.26 15.55 -21.28
C THR B 372 23.52 14.34 -20.74
N ALA B 373 22.95 14.46 -19.53
CA ALA B 373 22.25 13.33 -18.92
C ALA B 373 21.03 12.93 -19.74
N ARG B 374 20.34 13.90 -20.33
CA ARG B 374 19.14 13.57 -21.10
C ARG B 374 19.49 13.05 -22.48
N LEU B 375 20.54 13.57 -23.10
CA LEU B 375 20.97 13.03 -24.38
C LEU B 375 21.53 11.62 -24.22
N LEU B 376 22.32 11.39 -23.16
CA LEU B 376 22.80 10.04 -22.87
C LEU B 376 21.65 9.07 -22.68
N ASP B 377 20.61 9.49 -21.95
CA ASP B 377 19.47 8.62 -21.70
C ASP B 377 18.74 8.27 -22.99
N LYS B 378 18.62 9.22 -23.91
CA LYS B 378 17.98 8.95 -25.19
C LYS B 378 18.82 8.00 -26.03
N LEU B 379 20.15 8.18 -26.04
CA LEU B 379 21.02 7.27 -26.79
C LEU B 379 21.00 5.87 -26.20
N VAL B 380 21.00 5.75 -24.88
CA VAL B 380 20.96 4.43 -24.24
C VAL B 380 19.65 3.73 -24.57
N GLY B 381 18.54 4.47 -24.56
CA GLY B 381 17.25 3.88 -24.88
C GLY B 381 17.16 3.41 -26.32
N GLU B 382 17.85 4.09 -27.23
CA GLU B 382 17.75 3.77 -28.64
C GLU B 382 18.64 2.60 -29.04
N PHE B 383 19.82 2.50 -28.43
CA PHE B 383 20.85 1.58 -28.89
C PHE B 383 21.06 0.37 -27.98
N LEU B 384 20.80 0.50 -26.68
CA LEU B 384 21.04 -0.59 -25.73
C LEU B 384 19.74 -1.19 -25.21
N GLU B 385 18.79 -0.36 -24.79
CA GLU B 385 17.60 -0.87 -24.11
C GLU B 385 16.71 -1.66 -25.05
N VAL B 386 16.81 -1.43 -26.36
CA VAL B 386 16.01 -2.18 -27.33
C VAL B 386 16.54 -3.60 -27.54
N THR B 387 17.81 -3.86 -27.24
CA THR B 387 18.38 -5.19 -27.41
C THR B 387 18.16 -6.09 -26.20
N CYS B 388 17.52 -5.58 -25.14
CA CYS B 388 17.34 -6.34 -23.91
C CYS B 388 15.99 -7.04 -23.95
N ILE B 389 15.98 -8.27 -24.46
CA ILE B 389 14.78 -9.10 -24.42
C ILE B 389 14.85 -9.96 -23.17
N ASN B 390 15.91 -10.76 -23.05
CA ASN B 390 16.16 -11.49 -21.83
C ASN B 390 16.50 -10.51 -20.71
N PRO B 391 16.30 -10.91 -19.45
CA PRO B 391 16.69 -10.04 -18.33
C PRO B 391 18.16 -9.67 -18.41
N THR B 392 18.42 -8.37 -18.46
CA THR B 392 19.77 -7.84 -18.67
C THR B 392 20.05 -6.73 -17.68
N PHE B 393 21.23 -6.77 -17.07
CA PHE B 393 21.70 -5.71 -16.20
C PHE B 393 22.49 -4.71 -17.03
N ILE B 394 22.10 -3.43 -16.97
CA ILE B 394 22.91 -2.33 -17.48
C ILE B 394 23.53 -1.64 -16.28
N CYS B 395 24.85 -1.57 -16.25
CA CYS B 395 25.58 -1.21 -15.04
C CYS B 395 26.45 0.02 -15.22
N ASP B 396 26.85 0.58 -14.08
CA ASP B 396 27.86 1.64 -13.99
C ASP B 396 27.44 2.89 -14.78
N HIS B 397 26.30 3.43 -14.38
CA HIS B 397 25.78 4.65 -14.97
C HIS B 397 26.68 5.83 -14.62
N PRO B 398 26.81 6.81 -15.52
CA PRO B 398 27.56 8.03 -15.17
C PRO B 398 26.94 8.75 -13.99
N GLN B 399 27.80 9.39 -13.21
CA GLN B 399 27.33 10.13 -12.03
C GLN B 399 26.33 11.22 -12.40
N ILE B 400 26.48 11.83 -13.57
CA ILE B 400 25.64 12.97 -13.92
C ILE B 400 24.20 12.58 -14.18
N MET B 401 23.90 11.29 -14.34
CA MET B 401 22.52 10.81 -14.41
C MET B 401 22.09 10.07 -13.14
N SER B 402 22.94 10.03 -12.11
CA SER B 402 22.66 9.28 -10.88
C SER B 402 23.03 10.15 -9.68
N PRO B 403 22.17 11.14 -9.36
CA PRO B 403 22.53 12.08 -8.28
C PRO B 403 22.54 11.49 -6.88
N LEU B 404 21.93 10.32 -6.66
CA LEU B 404 21.89 9.72 -5.33
C LEU B 404 22.74 8.46 -5.21
N ALA B 405 23.43 8.07 -6.27
CA ALA B 405 24.24 6.85 -6.25
C ALA B 405 25.68 7.17 -5.88
N LYS B 406 26.30 6.24 -5.17
CA LYS B 406 27.68 6.42 -4.73
C LYS B 406 28.63 6.24 -5.91
N TRP B 407 29.72 7.02 -5.89
CA TRP B 407 30.68 6.99 -6.98
C TRP B 407 31.31 5.60 -7.09
N HIS B 408 31.65 5.22 -8.32
CA HIS B 408 32.27 3.93 -8.56
C HIS B 408 33.65 3.89 -7.93
N ARG B 409 33.97 2.76 -7.30
CA ARG B 409 35.22 2.66 -6.56
C ARG B 409 36.44 2.50 -7.44
N SER B 410 36.28 2.25 -8.75
CA SER B 410 37.43 2.11 -9.63
C SER B 410 37.35 3.01 -10.87
N LYS B 411 36.13 3.34 -11.32
CA LYS B 411 35.92 4.04 -12.58
C LYS B 411 35.45 5.45 -12.30
N GLU B 412 36.34 6.43 -12.48
CA GLU B 412 36.00 7.81 -12.16
C GLU B 412 34.97 8.36 -13.15
N GLY B 413 33.98 9.08 -12.61
CA GLY B 413 32.87 9.57 -13.39
C GLY B 413 31.64 8.67 -13.40
N LEU B 414 31.76 7.42 -12.98
CA LEU B 414 30.64 6.49 -12.96
C LEU B 414 30.22 6.19 -11.54
N THR B 415 29.10 5.48 -11.41
CA THR B 415 28.54 5.13 -10.11
C THR B 415 28.32 3.63 -10.05
N GLU B 416 28.02 3.15 -8.84
CA GLU B 416 27.74 1.73 -8.61
C GLU B 416 26.23 1.52 -8.72
N ARG B 417 25.76 1.50 -9.95
CA ARG B 417 24.33 1.47 -10.25
C ARG B 417 24.06 0.42 -11.32
N PHE B 418 22.87 -0.19 -11.25
CA PHE B 418 22.42 -1.07 -12.31
C PHE B 418 20.92 -0.90 -12.50
N GLU B 419 20.47 -1.25 -13.70
CA GLU B 419 19.05 -1.34 -14.04
C GLU B 419 18.80 -2.67 -14.72
N LEU B 420 17.70 -3.32 -14.37
CA LEU B 420 17.29 -4.57 -14.99
C LEU B 420 16.27 -4.28 -16.08
N PHE B 421 16.53 -4.76 -17.29
CA PHE B 421 15.63 -4.58 -18.42
C PHE B 421 15.12 -5.94 -18.88
N VAL B 422 13.80 -6.04 -19.05
CA VAL B 422 13.14 -7.26 -19.46
C VAL B 422 12.19 -6.92 -20.60
N MET B 423 12.35 -7.59 -21.74
CA MET B 423 11.49 -7.41 -22.91
C MET B 423 11.38 -5.94 -23.28
N LYS B 424 12.55 -5.29 -23.35
CA LYS B 424 12.79 -3.93 -23.82
C LYS B 424 12.31 -2.84 -22.85
N LYS B 425 11.82 -3.18 -21.66
CA LYS B 425 11.36 -2.17 -20.72
C LYS B 425 12.10 -2.30 -19.39
N GLU B 426 12.34 -1.14 -18.76
CA GLU B 426 13.04 -1.11 -17.48
C GLU B 426 12.17 -1.66 -16.36
N ILE B 427 12.76 -2.54 -15.54
CA ILE B 427 12.05 -3.21 -14.46
C ILE B 427 12.59 -2.81 -13.09
N CYS B 428 13.92 -2.72 -12.95
CA CYS B 428 14.55 -2.47 -11.67
C CYS B 428 15.54 -1.31 -11.79
N ASN B 429 15.72 -0.61 -10.68
CA ASN B 429 16.73 0.43 -10.55
C ASN B 429 17.33 0.32 -9.15
N ALA B 430 18.65 0.16 -9.07
CA ALA B 430 19.28 -0.12 -7.79
C ALA B 430 20.71 0.40 -7.81
N TYR B 431 21.22 0.79 -6.64
CA TYR B 431 22.60 1.22 -6.55
C TYR B 431 23.07 1.19 -5.09
N THR B 432 24.40 1.21 -4.94
CA THR B 432 25.01 1.52 -3.65
C THR B 432 24.73 2.96 -3.30
N GLU B 433 24.18 3.19 -2.11
CA GLU B 433 23.69 4.50 -1.73
C GLU B 433 24.83 5.46 -1.42
N LEU B 434 24.71 6.69 -1.89
CA LEU B 434 25.65 7.74 -1.53
C LEU B 434 25.40 8.17 -0.09
N ASN B 435 26.38 7.93 0.78
CA ASN B 435 26.24 8.25 2.20
C ASN B 435 27.22 9.34 2.64
N ASP B 436 27.93 9.97 1.71
CA ASP B 436 28.75 11.13 2.01
C ASP B 436 27.86 12.38 2.01
N PRO B 437 27.61 12.97 3.18
CA PRO B 437 26.69 14.12 3.21
C PRO B 437 27.20 15.33 2.47
N MET B 438 28.52 15.56 2.48
CA MET B 438 29.06 16.73 1.78
C MET B 438 28.95 16.56 0.26
N ARG B 439 29.29 15.37 -0.24
CA ARG B 439 29.15 15.12 -1.66
C ARG B 439 27.69 15.10 -2.09
N GLN B 440 26.80 14.64 -1.21
CA GLN B 440 25.38 14.64 -1.55
C GLN B 440 24.83 16.06 -1.69
N ARG B 441 25.36 17.01 -0.92
CA ARG B 441 24.94 18.40 -1.08
C ARG B 441 25.40 18.95 -2.42
N GLN B 442 26.63 18.63 -2.83
CA GLN B 442 27.15 19.13 -4.10
C GLN B 442 26.29 18.65 -5.26
N LEU B 443 25.88 17.39 -5.23
CA LEU B 443 25.03 16.86 -6.30
C LEU B 443 23.63 17.43 -6.24
N PHE B 444 23.14 17.78 -5.04
CA PHE B 444 21.84 18.44 -4.93
C PHE B 444 21.88 19.84 -5.53
N GLU B 445 22.97 20.56 -5.31
CA GLU B 445 23.06 21.92 -5.82
C GLU B 445 23.22 21.92 -7.34
N GLU B 446 23.82 20.88 -7.90
CA GLU B 446 23.87 20.75 -9.35
C GLU B 446 22.48 20.48 -9.92
N GLN B 447 21.69 19.66 -9.22
CA GLN B 447 20.31 19.40 -9.66
C GLN B 447 19.49 20.67 -9.64
N ALA B 448 19.73 21.56 -8.65
CA ALA B 448 18.97 22.79 -8.57
C ALA B 448 19.29 23.70 -9.75
N LYS B 449 20.56 23.75 -10.17
CA LYS B 449 20.91 24.54 -11.35
C LYS B 449 20.28 23.97 -12.61
N ALA B 450 20.26 22.64 -12.74
CA ALA B 450 19.62 22.02 -13.89
C ALA B 450 18.14 22.38 -13.97
N LYS B 451 17.49 22.48 -12.82
CA LYS B 451 16.08 22.85 -12.79
C LYS B 451 15.89 24.29 -13.24
N ALA B 452 16.69 25.22 -12.71
CA ALA B 452 16.66 26.60 -13.18
C ALA B 452 17.04 26.70 -14.65
N ALA B 453 17.69 25.69 -15.21
CA ALA B 453 18.09 25.65 -16.60
C ALA B 453 17.12 24.87 -17.48
N GLY B 454 15.93 24.54 -16.99
CA GLY B 454 14.86 24.03 -17.83
C GLY B 454 14.37 22.64 -17.50
N ASP B 455 15.09 21.87 -16.69
CA ASP B 455 14.72 20.48 -16.44
C ASP B 455 13.66 20.41 -15.35
N ASP B 456 12.41 20.12 -15.74
CA ASP B 456 11.33 19.99 -14.77
C ASP B 456 11.50 18.78 -13.87
N GLU B 457 12.30 17.80 -14.28
CA GLU B 457 12.48 16.57 -13.52
C GLU B 457 13.67 16.61 -12.56
N ALA B 458 14.50 17.66 -12.63
CA ALA B 458 15.65 17.74 -11.74
C ALA B 458 15.20 17.79 -10.29
N MET B 459 16.10 17.39 -9.40
CA MET B 459 15.76 17.24 -7.99
C MET B 459 15.86 18.58 -7.25
N PHE B 460 14.99 18.74 -6.26
CA PHE B 460 15.11 19.83 -5.31
C PHE B 460 16.23 19.53 -4.32
N ILE B 461 16.74 20.59 -3.70
CA ILE B 461 17.69 20.44 -2.59
C ILE B 461 16.91 20.07 -1.33
N ASP B 462 17.19 18.91 -0.77
CA ASP B 462 16.57 18.44 0.46
C ASP B 462 17.59 18.53 1.59
N GLU B 463 17.56 19.63 2.35
CA GLU B 463 18.54 19.83 3.40
C GLU B 463 18.26 18.95 4.62
N ASN B 464 17.00 18.59 4.86
CA ASN B 464 16.69 17.67 5.95
C ASN B 464 17.37 16.32 5.74
N PHE B 465 17.32 15.81 4.51
CA PHE B 465 17.94 14.52 4.23
C PHE B 465 19.46 14.60 4.39
N CYS B 466 20.07 15.68 3.92
CA CYS B 466 21.51 15.86 4.09
C CYS B 466 21.90 15.88 5.56
N THR B 467 21.08 16.53 6.40
CA THR B 467 21.33 16.53 7.84
C THR B 467 21.29 15.10 8.39
N ALA B 468 20.31 14.30 7.95
CA ALA B 468 20.20 12.93 8.42
C ALA B 468 21.45 12.12 8.07
N LEU B 469 22.01 12.35 6.89
CA LEU B 469 23.24 11.65 6.50
C LEU B 469 24.43 12.08 7.34
N GLU B 470 24.37 13.25 7.96
CA GLU B 470 25.46 13.70 8.82
C GLU B 470 25.48 12.95 10.14
N TYR B 471 24.38 12.28 10.49
CA TYR B 471 24.36 11.44 11.68
C TYR B 471 24.93 10.05 11.41
N GLY B 472 25.25 9.74 10.16
CA GLY B 472 25.87 8.48 9.84
C GLY B 472 24.92 7.47 9.23
N LEU B 473 24.96 7.33 7.90
CA LEU B 473 24.28 6.25 7.21
C LEU B 473 25.29 5.16 6.93
N PRO B 474 25.07 3.93 7.40
CA PRO B 474 26.02 2.85 7.12
C PRO B 474 26.10 2.62 5.62
N PRO B 475 27.20 2.01 5.15
CA PRO B 475 27.23 1.57 3.74
C PRO B 475 25.99 0.77 3.40
N THR B 476 25.23 1.22 2.42
CA THR B 476 23.90 0.68 2.16
C THR B 476 23.68 0.59 0.66
N ALA B 477 22.87 -0.38 0.25
CA ALA B 477 22.44 -0.51 -1.14
C ALA B 477 20.92 -0.58 -1.19
N GLY B 478 20.34 0.16 -2.13
CA GLY B 478 18.90 0.20 -2.31
C GLY B 478 18.47 -0.36 -3.66
N TRP B 479 17.16 -0.52 -3.82
CA TRP B 479 16.60 -1.27 -4.93
C TRP B 479 15.15 -0.88 -5.11
N GLY B 480 14.74 -0.73 -6.37
CA GLY B 480 13.36 -0.39 -6.70
C GLY B 480 12.85 -1.11 -7.94
N MET B 481 11.62 -1.60 -7.92
CA MET B 481 11.05 -2.35 -9.03
C MET B 481 9.63 -1.89 -9.33
N GLY B 482 9.34 -1.69 -10.61
CA GLY B 482 7.98 -1.39 -11.04
C GLY B 482 7.09 -2.62 -11.11
N ILE B 483 6.17 -2.73 -10.17
CA ILE B 483 5.31 -3.91 -10.09
C ILE B 483 4.41 -4.02 -11.31
N ASP B 484 3.85 -2.90 -11.78
CA ASP B 484 2.96 -2.94 -12.93
C ASP B 484 3.66 -3.48 -14.16
N ARG B 485 4.96 -3.14 -14.33
CA ARG B 485 5.71 -3.65 -15.47
C ARG B 485 6.01 -5.14 -15.33
N VAL B 486 6.19 -5.61 -14.09
CA VAL B 486 6.36 -7.05 -13.88
C VAL B 486 5.08 -7.79 -14.26
N ALA B 487 3.94 -7.29 -13.80
CA ALA B 487 2.66 -7.88 -14.18
C ALA B 487 2.46 -7.84 -15.69
N MET B 488 3.04 -6.83 -16.36
CA MET B 488 2.92 -6.74 -17.80
C MET B 488 3.58 -7.92 -18.49
N PHE B 489 4.86 -8.17 -18.19
CA PHE B 489 5.56 -9.23 -18.92
C PHE B 489 5.24 -10.62 -18.38
N LEU B 490 4.60 -10.72 -17.21
CA LEU B 490 4.15 -12.01 -16.71
C LEU B 490 2.73 -12.35 -17.16
N THR B 491 1.99 -11.40 -17.73
CA THR B 491 0.68 -11.66 -18.31
C THR B 491 0.68 -11.46 -19.82
N ASP B 492 1.85 -11.31 -20.43
CA ASP B 492 1.99 -11.05 -21.86
C ASP B 492 1.12 -9.87 -22.30
N SER B 493 1.27 -8.76 -21.59
CA SER B 493 0.57 -7.52 -21.90
C SER B 493 1.57 -6.47 -22.34
N ASN B 494 1.33 -5.87 -23.50
CA ASN B 494 2.14 -4.77 -23.98
C ASN B 494 1.59 -3.41 -23.59
N ASN B 495 0.41 -3.36 -22.97
CA ASN B 495 -0.22 -2.13 -22.55
C ASN B 495 -0.40 -2.17 -21.04
N ILE B 496 0.15 -1.17 -20.34
CA ILE B 496 0.05 -1.13 -18.89
C ILE B 496 -1.39 -1.01 -18.43
N LYS B 497 -2.30 -0.55 -19.31
CA LYS B 497 -3.70 -0.46 -18.95
C LYS B 497 -4.32 -1.84 -18.71
N GLU B 498 -3.65 -2.89 -19.18
CA GLU B 498 -4.16 -4.25 -18.99
C GLU B 498 -3.96 -4.76 -17.57
N VAL B 499 -3.02 -4.20 -16.82
CA VAL B 499 -2.68 -4.69 -15.49
C VAL B 499 -3.06 -3.69 -14.40
N LEU B 500 -3.85 -2.67 -14.75
CA LEU B 500 -4.40 -1.72 -13.80
C LEU B 500 -5.92 -1.85 -13.82
N LEU B 501 -6.52 -1.97 -12.63
CA LEU B 501 -7.97 -2.20 -12.57
C LEU B 501 -8.74 -1.03 -13.17
N PHE B 502 -8.31 0.20 -12.89
CA PHE B 502 -8.94 1.40 -13.45
C PHE B 502 -7.84 2.32 -13.96
N PRO B 503 -7.34 2.09 -15.16
CA PRO B 503 -6.23 2.92 -15.66
C PRO B 503 -6.67 4.36 -15.88
N ALA B 504 -5.69 5.25 -15.86
CA ALA B 504 -5.96 6.67 -16.07
C ALA B 504 -6.34 6.91 -17.52
N MET B 505 -7.43 7.65 -17.73
CA MET B 505 -7.98 7.84 -19.05
C MET B 505 -8.31 9.30 -19.32
N LYS B 506 -8.25 9.67 -20.59
CA LYS B 506 -8.72 10.97 -21.05
C LYS B 506 -10.25 11.03 -21.00
N PRO B 507 -10.83 12.18 -20.61
CA PRO B 507 -12.28 12.30 -20.42
C PRO B 507 -13.09 11.99 -21.67
NZ KAA C . -18.44 0.19 3.25
CE KAA C . -18.41 0.41 4.69
CD KAA C . -17.53 1.64 4.99
CG KAA C . -16.11 1.36 4.44
CB KAA C . -15.11 2.44 5.04
CA KAA C . -15.45 3.83 4.41
N KAA C . -15.01 3.89 3.05
C KAA C . -14.77 4.93 5.24
O KAA C . -14.06 5.73 4.73
N8 KAA C . -15.03 4.98 6.72
S1 KAA C . -14.24 6.25 7.64
O1S KAA C . -14.93 6.46 8.96
O2S KAA C . -14.39 7.59 6.98
O5' KAA C . -12.66 5.84 7.84
C5' KAA C . -12.41 4.50 8.15
C4' KAA C . -11.50 4.46 9.42
O4' KAA C . -10.21 5.25 9.12
C3' KAA C . -12.05 5.09 10.39
O3' KAA C . -12.81 4.18 11.21
C2' KAA C . -10.80 5.75 11.27
O2' KAA C . -10.43 4.80 12.31
C1' KAA C . -9.81 5.90 10.49
N9 KAA C . -9.40 7.34 10.25
C8 KAA C . -10.39 8.00 9.64
N7 KAA C . -9.97 9.28 9.44
C5 KAA C . -8.72 9.39 9.92
C4 KAA C . -8.37 8.19 10.42
N3 KAA C . -7.15 8.01 10.97
C2 KAA C . -6.27 9.05 11.03
N1 KAA C . -6.62 10.26 10.52
C6 KAA C . -7.83 10.44 9.98
N6 KAA C . -7.83 11.82 9.58
NZ KAA D . 18.05 3.31 -4.19
CE KAA D . 18.12 2.71 -5.54
CD KAA D . 16.92 3.21 -6.38
CG KAA D . 15.60 2.82 -5.67
CB KAA D . 14.35 3.23 -6.56
CA KAA D . 14.44 4.75 -6.92
N KAA D . 14.05 5.56 -5.80
C KAA D . 13.52 5.03 -8.13
O KAA D . 12.57 5.73 -8.03
N8 KAA D . 13.85 4.39 -9.44
S1 KAA D . 12.81 4.70 -10.81
O1S KAA D . 13.47 4.31 -12.10
O2S KAA D . 12.57 6.17 -11.01
O5' KAA D . 11.39 3.88 -10.59
C5' KAA D . 11.54 2.54 -10.19
C4' KAA D . 10.77 1.63 -11.22
O4' KAA D . 9.29 2.09 -11.28
C3' KAA D . 11.20 1.82 -12.40
O3' KAA D . 12.27 0.90 -12.70
C2' KAA D . 9.90 1.55 -13.42
O2' KAA D . 9.93 0.17 -13.86
C1' KAA D . 8.85 1.74 -12.74
N9 KAA D . 8.02 2.88 -13.27
C8 KAA D . 8.75 4.00 -13.24
N7 KAA D . 7.99 5.03 -13.73
C5 KAA D . 6.79 4.52 -14.03
C4 KAA D . 6.79 3.21 -13.75
N3 KAA D . 5.68 2.46 -13.97
C2 KAA D . 4.56 3.04 -14.47
N1 KAA D . 4.55 4.38 -14.75
C6 KAA D . 5.64 5.11 -14.54
N6 KAA D . 5.28 6.43 -14.94
#